data_4UPB
#
_entry.id   4UPB
#
_cell.length_a   1.000
_cell.length_b   1.000
_cell.length_c   1.000
_cell.angle_alpha   90.00
_cell.angle_beta   90.00
_cell.angle_gamma   90.00
#
_symmetry.space_group_name_H-M   'P 1'
#
loop_
_entity.id
_entity.type
_entity.pdbx_description
1 polymer 'LYSINE DECARBOXYLASE, INDUCIBLE'
2 polymer 'ATPASE RAVA'
#
loop_
_entity_poly.entity_id
_entity_poly.type
_entity_poly.pdbx_seq_one_letter_code
_entity_poly.pdbx_strand_id
1 'polypeptide(L)'
;MNVIAILNHMGVYFKEEPIRELHRALERLNFQIVYPNDRDDLLKLIENNARLCGVIFDWDKYNLELCEEISKMNENLPLY
AFANTYSTLDVSLNDLRLQISFFEYALGAAEDIANKIKQTTDEYINTILPPLTKALFKYVREGKYTFCTPGHMGGTAFQK
SPVGSLFYDFFGPNTMKSDISISVSELGSLLDHSGPHKEAEQYIARVFNADRSYMVTNGTSTANKIVGMYSAPAGSTILI
DRNCHKSLTHLMMMSDVTPIYFRPTRNAYGILGGIPQSEFQHATIAKRVKETPNATWPVHAVITNSTYDGLLYNTDFIKK
TLDVKSIHFDSAWVPYTNFSPIYEGKCGMSGGRVEGKVIYETQSTHKLLAAFSQASMIHVKGDVNEETFNEAYMMHTTTS
PHYGIVASTETAAAMMKGNAGKRLINGSIERAIKFRKEIKRLRTESDGWFFDVWQPDHIDTTECWPLRSDSTWHGFKNID
NEHMYLDPIKVTLLTPGMEKDGTMSDFGIPASIVAKYLDEHGIVVEKTGPYNLLFLFSIGIDKTKALSLLRALTDFKRAF
DLNLRVKNMLPSLYREDPEFYENMRIQELAQNIHKLIVHHNLPDLMYRAFEVLPTMVMTPYAAFQKELHGMTEEVYLDEM
VGRINANMILPYPPGVPLVMPGEMITEESRPVLEFLQMLCEIGAHYPGFETDIHGAYRQADGRYTVKVLKEESKK
;
A,B
2 'polypeptide(L)'
;GMMAHPHLLAERISRLSSSLEKGLYERSHAIRLCLLAALSGESVFLLGPPGIAKSLIARRLKFAFQNARAFEYLMTRFST
PEEVFGPLSIQALKDEGRYERLTSGYLPEAEIVFLDEIWKAGPAILNTLLTAINERQFRNGAHVEKIPMRLLVAASNELP
EADSSLEALYDRMLIRLWLDKVQDKANFRSMLTSQQDENDNPVPDALQVTDEEYERWQKEIGEITLPDHVFELIFMLRQQ
LDKLPDAPYVSDRRWKKAIRLLQASAFFSGRSAVAPVDLILLKDCLWYDAQSLNLIQQQIDVLMTGHAWQQQGMLTRLGA
IVQRHLQLQQQQSDKTALTVIRLGGIFSRRQQYQLPVNVTASTLTLLLQKPLKLHDMEVVHISFERSALEQWLSKGGEIR
GKLNGIGFAQKLNLEVDSAQHLVVRDVSLQGSTLALPGSSAEGLPGEIKQQLEELESDWRKQHALFSEQQKCLFIPGDWL
GRIEASLQDVGAQIRQAQQC
;
C,D,E
#
# COMPACT_ATOMS: atom_id res chain seq x y z
CA MET A 1 -31.24 14.39 -42.44
CA ASN A 2 -34.06 15.64 -44.72
CA VAL A 3 -36.21 12.79 -45.96
CA ILE A 4 -39.85 12.72 -44.75
CA ALA A 5 -42.09 9.79 -45.60
CA ILE A 6 -45.80 10.24 -46.20
CA LEU A 7 -47.80 7.06 -46.04
CA ASN A 8 -51.26 7.33 -48.15
CA HIS A 9 -54.52 7.11 -50.51
CA MET A 10 -57.36 7.91 -48.04
CA GLY A 11 -60.32 8.32 -50.41
CA VAL A 12 -61.35 11.71 -48.93
CA TYR A 13 -60.42 15.16 -50.09
CA PHE A 14 -60.70 16.59 -46.54
CA LYS A 15 -57.60 14.49 -45.65
CA GLU A 16 -55.83 14.30 -49.01
CA GLU A 17 -55.78 18.00 -49.79
CA PRO A 18 -54.19 19.12 -46.53
CA ILE A 19 -51.51 16.45 -47.05
CA ARG A 20 -50.87 17.84 -50.55
CA GLU A 21 -50.51 21.30 -48.99
CA LEU A 22 -48.09 19.85 -46.43
CA HIS A 23 -45.93 18.20 -49.16
CA ARG A 24 -45.52 21.66 -50.72
CA ALA A 25 -44.84 23.41 -47.40
CA LEU A 26 -42.20 20.81 -46.51
CA GLU A 27 -40.52 21.04 -49.94
CA ARG A 28 -40.24 24.82 -49.33
CA LEU A 29 -38.25 23.99 -46.19
CA ASN A 30 -35.96 21.76 -48.28
CA PHE A 31 -37.21 18.33 -47.24
CA GLN A 32 -37.37 15.45 -49.79
CA ILE A 33 -40.73 13.71 -49.65
CA VAL A 34 -41.15 10.00 -50.24
CA TYR A 35 -44.36 7.95 -50.64
CA PRO A 36 -44.18 4.30 -49.50
CA ASN A 37 -46.92 2.11 -50.96
CA ASP A 38 -47.71 0.38 -47.72
CA ARG A 39 -46.48 -0.45 -44.27
CA ASP A 40 -43.79 -2.93 -45.39
CA ASP A 41 -42.47 -0.46 -48.04
CA LEU A 42 -42.16 2.23 -45.34
CA LEU A 43 -40.23 -0.11 -43.02
CA LYS A 44 -37.81 -0.90 -45.87
CA LEU A 45 -37.33 2.81 -46.55
CA ILE A 46 -36.48 3.37 -42.87
CA GLU A 47 -34.23 0.30 -42.80
CA ASN A 48 -32.32 1.44 -45.94
CA ASN A 49 -32.21 5.18 -45.38
CA ALA A 50 -30.71 6.59 -42.15
CA ARG A 51 -31.57 10.09 -43.41
CA LEU A 52 -35.29 9.43 -43.32
CA CYS A 53 -36.08 11.60 -40.29
CA GLY A 54 -39.94 11.66 -40.00
CA VAL A 55 -43.11 9.74 -40.94
CA ILE A 56 -46.48 11.31 -41.65
CA PHE A 57 -49.53 9.01 -41.48
CA ASP A 58 -53.21 8.67 -40.60
CA TRP A 59 -53.25 7.59 -36.95
CA ASP A 60 -56.29 5.27 -37.05
CA LYS A 61 -55.28 3.58 -40.33
CA TYR A 62 -51.72 2.72 -39.34
CA ASN A 63 -50.80 3.15 -35.65
CA LEU A 64 -51.36 -0.55 -34.73
CA GLU A 65 -49.40 -1.58 -37.85
CA LEU A 66 -46.44 0.86 -37.46
CA CYS A 67 -45.66 1.99 -33.94
CA GLU A 68 -44.20 -1.21 -32.56
CA GLU A 69 -42.16 -1.96 -35.71
CA ILE A 70 -40.72 1.56 -35.80
CA SER A 71 -39.85 1.52 -32.07
CA LYS A 72 -37.77 -1.66 -32.75
CA MET A 73 -35.80 0.18 -35.48
CA ASN A 74 -35.40 3.66 -34.06
CA GLU A 75 -36.84 4.82 -30.78
CA ASN A 76 -36.46 8.46 -31.54
CA LEU A 77 -37.76 8.69 -35.07
CA PRO A 78 -40.31 11.53 -35.27
CA LEU A 79 -43.87 10.44 -36.00
CA TYR A 80 -46.46 12.93 -37.26
CA ALA A 81 -49.82 11.33 -36.63
CA PHE A 82 -52.98 12.76 -38.15
CA ALA A 83 -55.92 12.21 -35.82
CA ASN A 84 -59.65 11.69 -36.41
CA THR A 85 -62.41 12.82 -33.99
CA TYR A 86 -62.51 9.42 -32.27
CA SER A 87 -58.80 8.58 -32.43
CA THR A 88 -57.45 7.04 -29.20
CA LEU A 89 -54.43 5.28 -27.70
CA ASP A 90 -54.42 1.48 -27.58
CA VAL A 91 -53.01 -0.16 -24.44
CA SER A 92 -50.41 -1.99 -26.59
CA LEU A 93 -48.66 1.38 -27.10
CA ASN A 94 -48.09 1.97 -23.36
CA ASP A 95 -44.58 0.62 -23.15
CA LEU A 96 -43.21 1.61 -26.59
CA ARG A 97 -40.63 4.35 -26.91
CA LEU A 98 -42.19 6.67 -29.48
CA GLN A 99 -41.78 10.27 -30.48
CA ILE A 100 -45.28 11.34 -31.62
CA SER A 101 -46.81 14.67 -32.58
CA PHE A 102 -50.55 14.72 -33.27
CA PHE A 103 -52.02 16.91 -36.03
CA GLU A 104 -55.47 17.64 -37.50
CA TYR A 105 -56.50 17.65 -41.18
CA ALA A 106 -57.16 21.30 -42.03
CA LEU A 107 -56.75 23.51 -45.08
CA GLY A 108 -54.21 26.25 -44.62
CA ALA A 109 -52.46 24.61 -41.62
CA ALA A 110 -49.55 23.25 -43.77
CA GLU A 111 -47.15 26.15 -43.18
CA ASP A 112 -47.55 25.82 -39.40
CA ILE A 113 -47.30 22.01 -39.45
CA ALA A 114 -44.17 22.20 -41.68
CA ASN A 115 -42.56 24.59 -39.18
CA LYS A 116 -43.31 22.22 -36.29
CA ILE A 117 -41.84 19.33 -38.28
CA LYS A 118 -38.67 21.39 -38.91
CA GLN A 119 -38.45 22.09 -35.15
CA THR A 120 -39.01 18.43 -34.23
CA THR A 121 -36.36 17.37 -36.79
CA ASP A 122 -33.84 19.72 -35.15
CA GLU A 123 -34.85 18.25 -31.76
CA TYR A 124 -34.26 14.76 -33.15
CA ILE A 125 -30.82 15.76 -34.50
CA ASN A 126 -30.03 17.29 -31.10
CA THR A 127 -31.06 14.09 -29.25
CA ILE A 128 -28.92 11.74 -31.32
CA LEU A 129 -25.64 13.76 -31.57
CA PRO A 130 -22.81 13.54 -28.88
CA PRO A 131 -22.02 16.67 -26.81
CA LEU A 132 -18.61 18.05 -27.87
CA THR A 133 -19.15 17.36 -31.60
CA LYS A 134 -22.57 19.03 -31.35
CA ALA A 135 -21.01 22.11 -29.66
CA LEU A 136 -18.24 22.24 -32.27
CA PHE A 137 -20.71 22.16 -35.22
CA LYS A 138 -22.85 24.80 -33.55
CA TYR A 139 -19.82 27.02 -32.99
CA VAL A 140 -18.89 26.72 -36.69
CA ARG A 141 -22.46 27.76 -37.66
CA GLU A 142 -22.86 30.62 -35.13
CA GLY A 143 -19.56 31.79 -33.49
CA LYS A 144 -17.73 35.18 -34.19
CA TYR A 145 -14.43 35.23 -32.29
CA THR A 146 -11.65 37.44 -33.72
CA PHE A 147 -7.99 37.98 -32.58
CA CYS A 148 -7.68 34.28 -32.04
CA THR A 149 -5.32 31.41 -32.62
CA PRO A 150 -5.04 29.28 -34.84
CA GLY A 151 -3.55 32.20 -36.77
CA HIS A 152 -5.46 31.17 -39.87
CA MET A 153 -8.73 32.30 -38.21
CA GLY A 154 -11.26 29.86 -39.64
CA GLY A 155 -9.30 29.63 -42.90
CA THR A 156 -9.22 33.42 -43.45
CA ALA A 157 -5.42 33.62 -43.73
CA PHE A 158 -5.41 30.97 -46.48
CA GLN A 159 -7.73 33.08 -48.75
CA LYS A 160 -5.23 35.91 -49.07
CA SER A 161 -2.69 33.60 -50.78
CA PRO A 162 -2.95 31.96 -54.21
CA VAL A 163 -1.64 28.62 -52.92
CA GLY A 164 -3.50 29.06 -49.61
CA SER A 165 -6.77 29.54 -51.53
CA LEU A 166 -6.25 26.15 -53.16
CA PHE A 167 -5.65 24.50 -49.75
CA TYR A 168 -8.77 26.26 -48.31
CA ASP A 169 -10.90 25.29 -51.29
CA PHE A 170 -9.77 21.68 -51.11
CA PHE A 171 -10.61 21.15 -47.40
CA GLY A 172 -13.61 23.54 -47.41
CA PRO A 173 -15.14 26.07 -44.97
CA ASN A 174 -16.35 23.66 -42.25
CA THR A 175 -12.97 21.90 -41.93
CA MET A 176 -11.16 25.25 -41.75
CA LYS A 177 -13.61 26.88 -39.32
CA SER A 178 -13.67 23.90 -36.94
CA ASP A 179 -9.92 24.24 -36.37
CA ILE A 180 -10.15 26.23 -33.13
CA SER A 181 -8.41 26.76 -29.77
CA ILE A 182 -9.43 27.13 -26.10
CA SER A 183 -10.28 30.79 -26.91
CA VAL A 184 -13.67 29.25 -27.83
CA SER A 185 -14.56 29.04 -24.18
CA GLU A 186 -17.85 27.37 -24.67
CA LEU A 187 -16.16 24.14 -25.84
CA GLY A 188 -14.20 23.87 -22.59
CA SER A 189 -10.69 22.42 -22.66
CA LEU A 190 -9.14 19.05 -23.38
CA LEU A 191 -6.25 19.58 -20.95
CA ASP A 192 -8.52 20.82 -18.12
CA HIS A 193 -11.08 18.12 -18.96
CA SER A 194 -13.75 20.81 -18.69
CA GLY A 195 -17.16 21.63 -20.26
CA PRO A 196 -18.13 19.60 -23.35
CA HIS A 197 -14.70 17.88 -23.16
CA LYS A 198 -15.69 16.47 -19.76
CA GLU A 199 -19.00 15.47 -21.24
CA ALA A 200 -17.21 13.79 -24.16
CA GLU A 201 -14.96 11.79 -21.81
CA GLN A 202 -17.92 10.59 -19.72
CA TYR A 203 -19.85 9.78 -22.87
CA ILE A 204 -16.92 7.72 -24.24
CA ALA A 205 -16.32 5.94 -20.93
CA ARG A 206 -19.95 4.82 -20.84
CA VAL A 207 -19.95 3.53 -24.44
CA PHE A 208 -16.58 1.76 -24.04
CA ASN A 209 -17.23 0.21 -20.56
CA ALA A 210 -14.51 2.17 -18.74
CA ASP A 211 -14.54 3.90 -15.33
CA ARG A 212 -12.64 6.77 -16.96
CA SER A 213 -11.56 7.50 -20.59
CA TYR A 214 -8.99 9.93 -22.00
CA MET A 215 -8.88 11.30 -25.57
CA VAL A 216 -5.36 11.23 -27.03
CA THR A 217 -4.52 13.22 -30.18
CA ASN A 218 -1.11 11.71 -30.89
CA GLY A 219 -2.08 8.08 -31.48
CA THR A 220 -1.80 4.95 -29.34
CA SER A 221 2.01 5.48 -29.69
CA THR A 222 1.41 8.31 -27.21
CA ALA A 223 -1.41 6.67 -25.23
CA ASN A 224 0.99 3.76 -24.45
CA LYS A 225 3.58 6.20 -23.03
CA ILE A 226 1.08 8.12 -20.90
CA VAL A 227 0.00 4.87 -19.27
CA GLY A 228 3.63 3.67 -19.02
CA MET A 229 5.10 6.83 -17.48
CA TYR A 230 2.40 7.03 -14.82
CA SER A 231 2.74 3.31 -14.03
CA ALA A 232 6.50 2.66 -13.99
CA PRO A 233 8.70 5.05 -11.96
CA ALA A 234 12.51 5.11 -12.43
CA GLY A 235 14.24 2.08 -10.95
CA SER A 236 11.16 -0.08 -11.30
CA THR A 237 10.77 -3.35 -13.17
CA ILE A 238 7.95 -3.94 -15.74
CA LEU A 239 6.65 -7.08 -17.43
CA ILE A 240 6.39 -6.51 -21.17
CA ASP A 241 5.08 -8.58 -24.04
CA ARG A 242 8.04 -9.44 -26.27
CA ASN A 243 5.50 -9.01 -29.07
CA CYS A 244 5.33 -5.28 -28.45
CA HIS A 245 4.76 -2.19 -30.61
CA LYS A 246 7.75 0.05 -31.24
CA SER A 247 6.14 2.74 -29.04
CA LEU A 248 6.65 0.43 -26.00
CA THR A 249 10.35 0.10 -26.92
CA HIS A 250 10.38 3.91 -27.08
CA LEU A 251 8.86 3.97 -23.58
CA MET A 252 11.68 1.71 -22.25
CA MET A 253 14.24 3.93 -23.99
CA MET A 254 12.72 6.99 -22.31
CA SER A 255 12.05 5.58 -18.82
CA ASP A 256 14.74 4.28 -16.47
CA VAL A 257 13.05 0.90 -16.03
CA THR A 258 14.12 -2.73 -16.22
CA PRO A 259 12.15 -5.04 -18.48
CA ILE A 260 11.35 -8.71 -18.02
CA TYR A 261 9.62 -10.15 -21.13
CA PHE A 262 6.50 -12.21 -21.42
CA ARG A 263 7.41 -14.82 -24.09
CA PRO A 264 4.82 -15.38 -26.81
CA THR A 265 4.61 -18.65 -28.75
CA ARG A 266 4.58 -18.90 -32.60
CA ASN A 267 3.78 -21.41 -35.33
CA ALA A 268 5.62 -22.69 -38.44
CA TYR A 269 3.99 -19.98 -40.62
CA GLY A 270 5.64 -17.39 -38.37
CA ILE A 271 2.31 -16.27 -36.91
CA LEU A 272 2.66 -15.22 -33.26
CA GLY A 273 0.73 -17.06 -30.63
CA GLY A 274 -0.23 -16.14 -27.12
CA ILE A 275 2.00 -15.80 -24.11
CA PRO A 276 1.40 -19.17 -22.34
CA GLN A 277 -0.55 -19.30 -19.03
CA SER A 278 2.72 -20.23 -17.22
CA GLU A 279 4.20 -16.77 -17.94
CA PHE A 280 1.57 -15.07 -15.73
CA GLN A 281 2.13 -17.27 -12.67
CA HIS A 282 3.77 -15.98 -9.52
CA ALA A 283 6.54 -18.62 -9.43
CA THR A 284 7.63 -17.92 -13.02
CA ILE A 285 7.84 -14.17 -12.46
CA ALA A 286 9.64 -14.55 -9.10
CA LYS A 287 12.33 -16.71 -10.74
CA ARG A 288 12.93 -14.12 -13.51
CA VAL A 289 13.05 -11.32 -10.94
CA LYS A 290 15.74 -13.35 -9.10
CA GLU A 291 17.77 -13.86 -12.32
CA THR A 292 17.45 -10.29 -13.63
CA PRO A 293 19.98 -7.71 -12.45
CA ASN A 294 18.39 -4.80 -10.54
CA ALA A 295 14.93 -6.28 -11.00
CA THR A 296 12.33 -6.03 -8.27
CA TRP A 297 8.75 -7.29 -8.29
CA PRO A 298 7.04 -5.83 -11.44
CA VAL A 299 4.91 -2.75 -10.76
CA HIS A 300 3.35 -2.75 -14.30
CA ALA A 301 2.63 -5.33 -17.04
CA VAL A 302 1.88 -4.69 -20.76
CA ILE A 303 0.23 -7.32 -22.97
CA THR A 304 -0.62 -6.90 -26.68
CA ASN A 305 -4.20 -8.00 -27.01
CA SER A 306 -5.15 -9.12 -29.63
CA THR A 307 -2.12 -10.11 -31.65
CA TYR A 308 -2.02 -8.65 -35.19
CA ASP A 309 -3.49 -11.87 -36.66
CA GLY A 310 -6.43 -11.77 -34.25
CA LEU A 311 -5.58 -13.99 -31.29
CA LEU A 312 -7.25 -12.69 -28.18
CA TYR A 313 -6.39 -13.75 -24.62
CA ASN A 314 -8.67 -15.06 -21.92
CA THR A 315 -8.31 -11.79 -19.97
CA ASP A 316 -10.34 -13.19 -17.03
CA PHE A 317 -7.51 -15.65 -16.45
CA ILE A 318 -4.87 -12.92 -16.76
CA LYS A 319 -6.57 -10.56 -14.30
CA LYS A 320 -7.06 -13.40 -11.78
CA THR A 321 -3.53 -14.84 -12.22
CA LEU A 322 -1.12 -12.00 -12.84
CA ASP A 323 -0.04 -10.64 -9.42
CA VAL A 324 0.75 -7.15 -10.72
CA LYS A 325 -1.12 -4.07 -9.51
CA SER A 326 -1.27 -2.43 -12.96
CA ILE A 327 -2.08 -4.31 -16.14
CA HIS A 328 -2.09 -2.54 -19.55
CA PHE A 329 -3.63 -4.26 -22.59
CA ASP A 330 -2.27 -2.57 -25.76
CA SER A 331 -5.57 -3.05 -27.57
CA ALA A 332 -4.78 -0.93 -30.69
CA TRP A 333 -6.18 -3.63 -33.01
CA VAL A 334 -9.41 -4.33 -31.12
CA PRO A 335 -11.19 -1.01 -30.28
CA TYR A 336 -14.60 -2.64 -30.93
CA THR A 337 -14.58 -5.42 -28.29
CA ASN A 338 -17.20 -3.78 -26.10
CA PHE A 339 -19.80 -3.91 -28.91
CA SER A 340 -20.36 -7.64 -29.37
CA PRO A 341 -20.86 -10.28 -26.65
CA ILE A 342 -18.38 -12.55 -28.52
CA TYR A 343 -15.52 -10.53 -27.04
CA GLU A 344 -16.61 -10.84 -23.36
CA GLY A 345 -13.77 -12.21 -21.20
CA LYS A 346 -11.29 -11.40 -24.01
CA CYS A 347 -10.59 -7.69 -23.61
CA GLY A 348 -9.15 -5.37 -20.94
CA MET A 349 -12.43 -3.66 -20.04
CA SER A 350 -14.54 -6.85 -19.88
CA GLY A 351 -16.33 -7.39 -16.55
CA GLY A 352 -15.95 -5.21 -13.47
CA ARG A 353 -13.18 -3.93 -11.26
CA VAL A 354 -10.35 -6.18 -10.14
CA GLU A 355 -9.67 -5.63 -6.42
CA GLY A 356 -6.21 -4.14 -5.90
CA LYS A 357 -5.41 -3.66 -9.61
CA VAL A 358 -5.87 -0.96 -12.26
CA ILE A 359 -6.54 -2.25 -15.80
CA TYR A 360 -5.97 -0.21 -19.00
CA GLU A 361 -6.85 -0.53 -22.65
CA THR A 362 -5.16 1.73 -25.16
CA GLN A 363 -7.03 1.81 -28.48
CA SER A 364 -6.30 3.21 -31.92
CA THR A 365 -9.74 4.60 -32.73
CA HIS A 366 -8.57 5.46 -36.27
CA LEU A 368 -10.51 -0.22 -36.75
CA LEU A 369 -13.24 2.24 -35.85
CA ALA A 370 -14.11 5.46 -37.70
CA ALA A 371 -11.96 8.38 -36.57
CA PHE A 372 -9.26 10.70 -37.92
CA SER A 373 -5.59 9.57 -37.86
CA GLN A 374 -3.96 10.23 -34.48
CA ALA A 375 -7.26 9.61 -32.56
CA SER A 376 -6.64 7.25 -29.62
CA MET A 377 -8.33 6.38 -26.30
CA ILE A 378 -7.08 5.34 -22.85
CA HIS A 379 -9.66 3.37 -20.95
CA VAL A 380 -9.20 2.88 -17.18
CA LYS A 381 -10.82 0.28 -14.99
CA GLY A 382 -9.93 0.87 -11.33
CA ASP A 383 -8.55 3.76 -9.38
CA VAL A 384 -5.84 5.94 -10.73
CA ASN A 385 -4.47 8.99 -9.05
CA GLU A 386 -6.29 11.52 -11.04
CA GLU A 387 -3.95 14.55 -10.67
CA THR A 388 -0.75 12.53 -11.16
CA PHE A 389 -2.31 10.69 -14.11
CA ASN A 390 -3.21 14.10 -15.63
CA GLU A 391 0.42 15.25 -15.30
CA ALA A 392 1.47 12.14 -17.27
CA TYR A 393 -1.30 12.88 -19.84
CA MET A 394 -0.30 16.51 -20.14
CA MET A 395 3.40 15.70 -20.57
CA HIS A 396 2.61 14.02 -23.89
CA THR A 397 -0.43 16.09 -25.00
CA THR A 398 0.18 19.19 -27.03
CA THR A 399 -0.86 22.65 -25.98
CA SER A 400 -3.29 23.22 -28.76
CA PRO A 401 -5.45 20.25 -29.60
CA HIS A 402 -6.77 19.60 -33.09
CA TYR A 403 -10.50 19.74 -32.38
CA GLY A 404 -11.36 17.66 -35.48
CA ILE A 405 -9.32 14.71 -34.20
CA VAL A 406 -10.91 15.13 -30.71
CA ALA A 407 -14.47 15.36 -32.17
CA SER A 408 -13.86 12.25 -34.27
CA THR A 409 -12.86 10.34 -31.14
CA GLU A 410 -16.15 11.27 -29.46
CA THR A 411 -18.11 10.63 -32.69
CA ALA A 412 -16.59 7.15 -32.93
CA ALA A 413 -18.29 6.46 -29.58
CA ALA A 414 -21.57 8.00 -30.76
CA MET A 415 -21.45 5.67 -33.77
CA MET A 416 -20.91 2.53 -31.64
CA LYS A 417 -23.54 3.40 -29.13
CA GLY A 418 -26.45 1.13 -28.31
CA ASN A 419 -28.25 -0.81 -31.01
CA ALA A 420 -26.91 0.76 -34.16
CA GLY A 421 -23.34 0.22 -32.93
CA LYS A 422 -24.18 -3.42 -32.28
CA ARG A 423 -25.51 -3.66 -35.82
CA LEU A 424 -22.29 -2.15 -37.28
CA ILE A 425 -20.00 -4.57 -35.45
CA ASN A 426 -22.37 -7.49 -36.08
CA GLY A 427 -22.29 -6.61 -39.78
CA SER A 428 -18.50 -6.70 -39.94
CA ILE A 429 -18.42 -10.05 -38.10
CA GLU A 430 -21.08 -11.54 -40.41
CA ARG A 431 -19.21 -10.38 -43.50
CA ALA A 432 -15.88 -11.74 -42.19
CA ILE A 433 -17.54 -15.14 -41.62
CA LYS A 434 -19.28 -15.07 -45.03
CA PHE A 435 -15.93 -14.46 -46.72
CA ARG A 436 -14.22 -17.17 -44.59
CA LYS A 437 -16.84 -19.70 -45.71
CA GLU A 438 -16.52 -18.52 -49.35
CA ILE A 439 -12.77 -19.35 -49.35
CA LYS A 440 -13.50 -22.82 -47.91
CA ARG A 441 -16.29 -23.35 -50.48
CA LEU A 442 -14.12 -22.31 -53.45
CA ARG A 443 -11.29 -24.44 -52.08
CA THR A 444 -13.55 -27.51 -52.51
CA GLU A 445 -15.17 -26.40 -55.77
CA SER A 446 -12.11 -25.23 -57.68
CA ASP A 447 -9.87 -27.37 -59.96
CA GLY A 448 -6.53 -27.92 -58.23
CA TRP A 449 -4.85 -25.77 -55.62
CA PHE A 450 -6.59 -22.88 -53.85
CA PHE A 451 -6.08 -20.49 -50.94
CA ASP A 452 -7.02 -21.71 -47.49
CA VAL A 453 -8.21 -19.85 -44.38
CA TRP A 454 -6.31 -20.23 -41.11
CA GLN A 455 -9.22 -21.17 -38.86
CA PRO A 456 -11.03 -24.15 -37.29
CA ASP A 457 -12.28 -26.92 -39.58
CA HIS A 458 -15.85 -25.93 -38.72
CA ILE A 459 -16.99 -22.38 -38.10
CA ASP A 460 -20.73 -23.02 -37.92
CA THR A 461 -20.85 -20.80 -34.89
CA THR A 462 -20.47 -17.00 -34.43
CA GLU A 463 -17.90 -16.51 -31.67
CA CYS A 464 -14.19 -15.99 -31.23
CA TRP A 465 -13.33 -19.64 -31.89
CA PRO A 466 -11.25 -21.23 -29.10
CA LEU A 467 -7.83 -22.65 -30.00
CA ARG A 468 -7.84 -26.22 -28.63
CA SER A 469 -4.92 -28.54 -27.76
CA ASP A 470 -6.75 -31.31 -29.67
CA SER A 471 -6.88 -29.27 -32.94
CA THR A 472 -4.08 -28.89 -35.45
CA TRP A 473 -5.34 -25.94 -37.54
CA HIS A 474 -3.61 -23.23 -35.48
CA GLY A 475 -0.16 -24.92 -35.54
CA PHE A 476 0.71 -24.15 -31.90
CA LYS A 477 2.26 -26.95 -29.89
CA ASN A 478 0.79 -27.96 -26.48
CA ILE A 479 -1.35 -24.88 -26.25
CA ASP A 480 -3.15 -24.04 -23.03
CA ASN A 481 -6.89 -24.53 -23.37
CA GLU A 482 -9.48 -21.79 -22.69
CA HIS A 483 -6.63 -19.36 -23.16
CA MET A 484 -6.56 -18.10 -26.84
CA TYR A 485 -9.38 -17.27 -29.27
CA LEU A 486 -9.60 -16.26 -32.95
CA ASP A 487 -11.27 -12.92 -33.76
CA PRO A 488 -13.57 -13.57 -36.79
CA ILE A 489 -12.74 -10.22 -38.39
CA LYS A 490 -9.00 -10.86 -38.75
CA VAL A 491 -8.88 -13.13 -41.79
CA THR A 492 -5.61 -14.92 -42.55
CA LEU A 493 -5.40 -16.58 -45.92
CA LEU A 494 -2.83 -19.29 -46.50
CA THR A 495 -0.97 -19.88 -49.78
CA PRO A 496 0.22 -23.28 -51.01
CA GLY A 497 3.64 -24.63 -50.29
CA MET A 498 3.32 -24.83 -46.52
CA GLU A 499 3.23 -28.15 -44.86
CA LYS A 500 1.44 -29.32 -41.72
CA ASP A 501 4.81 -30.42 -40.39
CA GLY A 502 6.36 -26.98 -40.79
CA THR A 503 8.47 -28.62 -43.52
CA MET A 504 8.47 -27.32 -47.13
CA SER A 505 6.25 -28.37 -50.01
CA ASP A 506 7.58 -28.97 -53.54
CA PHE A 507 4.89 -26.60 -54.91
CA GLY A 508 4.71 -23.13 -53.33
CA ILE A 509 3.41 -19.66 -54.05
CA PRO A 510 5.11 -17.07 -51.82
CA ALA A 511 2.55 -14.60 -50.35
CA SER A 512 4.55 -11.60 -51.60
CA ILE A 513 3.43 -12.56 -55.14
CA VAL A 514 -0.27 -12.62 -54.15
CA ALA A 515 0.29 -9.25 -52.42
CA LYS A 516 1.71 -7.76 -55.62
CA TYR A 517 -1.33 -9.02 -57.55
CA LEU A 518 -3.74 -7.58 -54.96
CA ASP A 519 -1.97 -4.23 -55.12
CA GLU A 520 -2.68 -4.14 -58.91
CA HIS A 521 -6.35 -4.25 -57.98
CA GLY A 522 -6.12 -1.95 -55.02
CA ILE A 523 -6.52 -4.75 -52.64
CA VAL A 524 -3.90 -4.39 -49.93
CA VAL A 525 -2.73 -7.09 -47.74
CA GLU A 526 -2.14 -5.47 -44.36
CA LYS A 527 0.43 -8.02 -43.23
CA THR A 528 2.18 -10.82 -45.09
CA GLY A 529 4.46 -13.72 -44.06
CA PRO A 530 6.05 -16.44 -46.19
CA TYR A 531 2.75 -18.24 -46.89
CA ASN A 532 0.14 -16.06 -45.09
CA LEU A 533 -1.84 -12.89 -45.85
CA LEU A 534 -3.95 -10.90 -43.40
CA PHE A 535 -7.19 -9.03 -44.21
CA LEU A 536 -9.02 -6.79 -41.74
CA PHE A 537 -12.80 -7.04 -42.18
CA SER A 538 -13.50 -3.80 -40.40
CA ILE A 539 -16.62 -1.68 -40.40
CA GLY A 540 -15.01 -0.04 -43.44
CA ILE A 541 -15.09 -3.13 -45.50
CA ASP A 542 -18.50 -3.47 -47.14
CA LYS A 543 -19.91 -6.28 -49.31
CA THR A 544 -18.58 -4.60 -52.44
CA LYS A 545 -14.97 -4.66 -51.17
CA ALA A 546 -15.30 -8.27 -50.00
CA LEU A 547 -16.56 -9.36 -53.39
CA SER A 548 -13.75 -7.47 -55.10
CA LEU A 549 -11.18 -9.29 -52.92
CA LEU A 550 -12.83 -12.67 -53.52
CA ARG A 551 -12.80 -12.07 -57.29
CA ALA A 552 -9.24 -10.88 -57.21
CA LEU A 553 -8.25 -14.12 -55.47
CA THR A 554 -10.04 -16.32 -58.01
CA ASP A 555 -8.38 -14.21 -60.77
CA PHE A 556 -4.94 -14.74 -59.22
CA LYS A 557 -5.50 -18.52 -59.44
CA ARG A 558 -6.89 -18.26 -63.02
CA ALA A 559 -3.88 -16.18 -64.20
CA PHE A 560 -1.38 -18.25 -62.25
CA ASP A 561 -2.62 -21.46 -63.84
CA LEU A 562 -2.36 -19.94 -67.36
CA ASN A 563 1.10 -18.77 -66.46
CA LEU A 564 0.22 -15.39 -67.61
CA ARG A 565 3.30 -13.38 -68.26
CA VAL A 566 4.58 -11.22 -65.39
CA LYS A 567 4.34 -8.32 -67.86
CA ASN A 568 0.56 -8.88 -68.20
CA MET A 569 -0.44 -10.11 -64.75
CA LEU A 570 1.85 -7.89 -62.66
CA PRO A 571 2.39 -4.73 -64.73
CA SER A 572 3.68 -2.60 -61.80
CA LEU A 573 6.28 -5.26 -60.95
CA TYR A 574 7.25 -5.37 -64.64
CA ARG A 575 7.75 -1.58 -64.71
CA GLU A 576 10.33 -1.88 -61.91
CA ASP A 577 12.66 -3.81 -64.21
CA PRO A 578 11.15 -4.38 -67.69
CA GLU A 579 14.31 -6.03 -69.04
CA PHE A 580 14.49 -8.48 -66.09
CA TYR A 581 10.78 -9.34 -66.35
CA GLU A 582 10.26 -9.14 -70.14
CA ASN A 583 9.87 -12.88 -70.75
CA MET A 584 9.15 -14.33 -67.29
CA ARG A 585 5.81 -15.97 -66.53
CA ILE A 586 4.04 -15.94 -63.19
CA GLN A 587 4.54 -19.66 -62.38
CA GLU A 588 8.28 -19.28 -62.94
CA LEU A 589 8.49 -16.25 -60.63
CA ALA A 590 6.60 -18.21 -58.00
CA GLN A 591 8.84 -21.31 -58.41
CA ASN A 592 12.08 -19.43 -58.31
CA ILE A 593 11.25 -17.37 -55.21
CA HIS A 594 9.89 -20.47 -53.45
CA LYS A 595 13.04 -22.45 -54.30
CA LEU A 596 15.09 -19.57 -52.88
CA ILE A 597 13.06 -19.82 -49.64
CA VAL A 598 13.53 -23.60 -49.49
CA HIS A 599 17.24 -23.36 -50.39
CA HIS A 600 18.07 -20.64 -47.84
CA ASN A 601 16.13 -22.61 -45.23
CA LEU A 602 14.28 -19.37 -44.42
CA PRO A 603 11.55 -20.68 -42.12
CA ASP A 604 13.87 -22.72 -39.88
CA LEU A 605 16.32 -19.83 -39.61
CA MET A 606 13.51 -17.38 -38.84
CA TYR A 607 12.16 -19.54 -36.05
CA ARG A 608 15.62 -20.04 -34.47
CA ALA A 609 16.62 -16.36 -34.73
CA PHE A 610 13.72 -15.41 -32.41
CA GLU A 611 13.93 -18.30 -29.99
CA VAL A 612 17.16 -16.93 -28.44
CA LEU A 613 17.65 -13.41 -27.11
CA PRO A 614 20.56 -11.11 -27.83
CA THR A 615 22.47 -10.29 -24.62
CA MET A 616 21.50 -7.05 -22.89
CA VAL A 617 24.83 -5.34 -22.39
CA MET A 618 23.22 -2.00 -21.54
CA THR A 619 19.62 -0.76 -21.38
CA PRO A 620 18.00 0.95 -24.40
CA TYR A 621 18.21 4.21 -22.43
CA ALA A 622 21.94 3.83 -21.74
CA ALA A 623 22.54 2.93 -25.41
CA PHE A 624 20.69 6.04 -26.62
CA GLN A 625 22.73 8.26 -24.24
CA LYS A 626 25.85 6.93 -26.00
CA GLU A 627 24.31 7.78 -29.34
CA LEU A 628 23.53 11.28 -28.08
CA HIS A 629 27.27 11.64 -27.34
CA GLY A 630 28.17 10.54 -30.87
CA MET A 631 29.58 7.21 -29.73
CA THR A 632 28.35 5.23 -32.73
CA GLU A 633 29.92 3.87 -35.91
CA GLU A 634 28.78 1.61 -38.78
CA VAL A 635 30.26 -1.82 -39.27
CA TYR A 636 29.27 -4.49 -41.80
CA LEU A 637 26.51 -6.87 -40.68
CA ASP A 638 29.00 -9.78 -40.86
CA GLU A 639 31.17 -8.08 -38.21
CA MET A 640 28.49 -7.46 -35.59
CA VAL A 641 28.98 -10.42 -33.19
CA GLY A 642 30.30 -9.01 -29.89
CA ARG A 643 29.20 -5.45 -30.78
CA ILE A 644 26.63 -3.32 -28.89
CA ASN A 645 23.73 -2.46 -31.22
CA ALA A 646 22.77 1.18 -31.49
CA ASN A 647 19.36 0.79 -33.32
CA MET A 648 16.41 -1.57 -33.09
CA ILE A 649 16.79 -4.20 -35.79
CA LEU A 650 13.40 -4.99 -37.21
CA PRO A 651 13.41 -7.45 -40.09
CA TYR A 652 10.52 -8.21 -42.51
CA PRO A 653 9.70 -11.02 -42.15
CA PRO A 654 8.51 -11.63 -39.49
CA GLY A 655 8.03 -7.93 -38.66
CA VAL A 656 8.82 -8.00 -34.92
CA PRO A 657 11.90 -6.62 -33.04
CA LEU A 658 14.99 -8.84 -33.34
CA VAL A 659 17.70 -6.76 -31.58
CA MET A 660 17.15 -3.77 -29.24
CA PRO A 661 19.45 -0.80 -28.75
CA GLY A 662 22.01 -1.90 -26.10
CA GLU A 663 21.90 -5.58 -27.00
CA MET A 664 24.73 -7.64 -28.48
CA ILE A 665 24.76 -10.76 -30.64
CA THR A 666 27.05 -13.42 -29.09
CA GLU A 667 27.79 -17.07 -29.96
CA GLU A 668 24.81 -18.11 -27.88
CA SER A 669 22.64 -15.89 -30.18
CA ARG A 670 24.41 -16.42 -33.54
CA PRO A 671 21.13 -17.58 -35.26
CA VAL A 672 20.08 -13.90 -35.05
CA LEU A 673 22.98 -12.93 -37.30
CA GLU A 674 22.52 -15.97 -39.57
CA PHE A 675 18.85 -15.11 -40.19
CA LEU A 676 19.80 -11.50 -40.99
CA GLN A 677 22.60 -12.52 -43.43
CA MET A 678 20.23 -14.94 -45.14
CA LEU A 679 17.58 -12.18 -45.62
CA CYS A 680 20.24 -10.02 -47.20
CA GLU A 681 21.24 -12.77 -49.64
CA ILE A 682 17.73 -13.98 -50.62
CA GLY A 683 16.63 -10.38 -51.29
CA ALA A 684 19.35 -9.66 -53.85
CA HIS A 685 17.81 -11.85 -56.60
CA TYR A 686 14.45 -10.39 -57.67
CA PRO A 687 13.65 -6.75 -58.33
CA GLY A 688 10.58 -5.83 -56.24
CA PHE A 689 11.47 -8.45 -53.63
CA GLU A 690 14.28 -6.51 -51.92
CA THR A 691 15.66 -7.15 -48.45
CA ASP A 692 13.63 -5.21 -45.82
CA ILE A 693 15.46 -4.87 -42.49
CA HIS A 694 14.99 -1.69 -40.51
CA GLY A 695 18.36 -0.72 -38.97
CA ALA A 696 20.35 -2.36 -41.79
CA TYR A 697 21.71 -0.20 -44.59
CA ARG A 698 22.32 -1.45 -48.12
CA GLN A 699 25.63 -0.12 -49.43
CA ALA A 700 26.23 0.65 -53.12
CA ASP A 701 28.17 -2.62 -53.38
CA GLY A 702 25.23 -4.74 -52.13
CA ARG A 703 26.63 -5.34 -48.62
CA TYR A 704 24.72 -4.28 -45.45
CA THR A 705 25.89 -2.20 -42.49
CA VAL A 706 24.52 -1.69 -38.97
CA LYS A 707 25.09 1.08 -36.44
CA VAL A 708 26.97 -0.03 -33.30
CA LEU A 709 28.49 1.60 -30.26
CA LYS A 710 32.21 2.56 -30.51
CA GLU A 711 34.59 0.26 -28.68
CA MET B 1 -9.28 30.45 -60.50
CA ASN B 2 -11.89 30.92 -63.27
CA VAL B 3 -12.17 34.57 -64.29
CA ILE B 4 -11.05 35.44 -67.86
CA ALA B 5 -10.94 39.05 -68.98
CA ILE B 6 -11.72 40.03 -72.56
CA LEU B 7 -10.56 43.50 -73.50
CA ASN B 8 -12.70 45.01 -76.60
CA HIS B 9 -14.91 46.98 -79.33
CA MET B 10 -12.87 46.45 -82.56
CA GLY B 11 -15.29 47.76 -85.20
CA VAL B 12 -15.02 44.63 -87.37
CA TYR B 13 -17.22 41.57 -87.40
CA PHE B 14 -14.34 39.31 -88.53
CA LYS B 15 -12.77 39.92 -85.07
CA GLU B 16 -15.85 40.52 -82.93
CA GLU B 17 -17.80 37.43 -83.90
CA PRO B 18 -15.04 34.91 -83.13
CA ILE B 19 -14.64 36.59 -79.74
CA ARG B 20 -18.39 36.20 -79.13
CA GLU B 21 -18.03 32.52 -80.03
CA LEU B 22 -15.10 32.24 -77.61
CA HIS B 23 -17.10 33.85 -74.74
CA ARG B 24 -19.70 31.08 -75.21
CA ALA B 25 -17.12 28.30 -75.50
CA LEU B 26 -15.40 29.50 -72.31
CA GLU B 27 -18.68 29.78 -70.39
CA ARG B 28 -19.33 26.13 -71.35
CA LEU B 29 -16.06 25.27 -69.58
CA ASN B 30 -17.29 27.15 -66.50
CA PHE B 31 -15.20 30.31 -66.75
CA GLN B 32 -16.67 33.71 -65.74
CA ILE B 33 -16.03 36.33 -68.41
CA VAL B 34 -15.38 39.97 -67.60
CA TYR B 35 -15.14 42.97 -69.97
CA PRO B 36 -12.87 45.83 -68.82
CA ASN B 37 -13.58 49.13 -70.58
CA ASP B 38 -9.98 49.95 -71.20
CA ARG B 39 -6.42 49.25 -70.18
CA ASP B 40 -6.63 50.92 -66.76
CA ASP B 41 -9.92 49.10 -65.95
CA LEU B 42 -8.24 45.76 -66.79
CA LEU B 43 -5.25 46.52 -64.54
CA LYS B 44 -7.64 47.31 -61.67
CA LEU B 45 -9.49 44.04 -62.24
CA ILE B 46 -6.18 42.14 -62.07
CA GLU B 47 -5.08 44.14 -59.02
CA ASN B 48 -8.38 43.46 -57.17
CA ASN B 49 -9.08 39.89 -58.28
CA ALA B 50 -6.47 37.16 -57.68
CA ARG B 51 -8.81 34.69 -59.39
CA LEU B 52 -8.57 36.47 -62.73
CA CYS B 53 -6.42 33.86 -64.50
CA GLY B 54 -6.22 34.99 -68.19
CA VAL B 55 -6.54 38.01 -70.48
CA ILE B 56 -7.78 37.92 -74.07
CA PHE B 57 -6.91 40.92 -76.28
CA ASP B 58 -6.03 42.16 -79.76
CA TRP B 59 -2.22 42.04 -79.90
CA ASP B 60 -1.61 45.14 -82.07
CA LYS B 61 -4.14 47.32 -80.21
CA TYR B 62 -2.87 46.63 -76.70
CA ASN B 63 0.49 44.82 -76.40
CA LEU B 64 2.56 48.04 -75.92
CA GLU B 65 -0.03 49.26 -73.38
CA LEU B 66 -0.41 45.99 -71.37
CA CYS B 67 2.56 43.66 -71.40
CA GLU B 68 4.93 45.64 -69.21
CA GLU B 69 2.23 46.60 -66.67
CA ILE B 70 1.01 43.01 -66.38
CA SER B 71 4.57 41.63 -65.99
CA LYS B 72 5.00 44.00 -62.97
CA MET B 73 1.85 42.53 -61.35
CA ASN B 74 2.07 38.87 -62.19
CA GLU B 75 4.76 37.31 -64.31
CA ASN B 76 2.87 34.15 -64.95
CA LEU B 77 -0.55 35.43 -65.83
CA PRO B 78 -1.72 33.78 -69.07
CA LEU B 79 -2.10 36.13 -72.02
CA TYR B 80 -4.15 35.14 -75.07
CA ALA B 81 -3.08 37.47 -77.84
CA PHE B 82 -5.04 37.67 -81.08
CA ALA B 83 -2.70 38.42 -83.97
CA ASN B 84 -3.16 40.29 -87.26
CA THR B 85 -1.27 39.43 -90.51
CA TYR B 86 1.45 41.99 -89.78
CA SER B 87 1.64 41.58 -85.99
CA THR B 88 5.21 41.54 -84.65
CA LEU B 89 7.27 41.69 -81.43
CA ASP B 90 8.59 45.04 -80.29
CA VAL B 91 12.13 45.11 -78.84
CA SER B 92 10.73 46.55 -75.57
CA LEU B 93 9.18 43.13 -74.86
CA ASN B 94 12.53 41.26 -74.96
CA ASP B 95 13.23 41.26 -71.25
CA LEU B 96 9.68 40.98 -69.86
CA ARG B 97 8.52 37.78 -68.20
CA LEU B 98 5.31 37.00 -70.08
CA GLN B 99 3.20 33.94 -70.65
CA ILE B 100 1.72 34.46 -74.15
CA SER B 101 -0.30 32.27 -76.50
CA PHE B 102 -1.03 33.65 -79.95
CA PHE B 103 -4.37 33.00 -81.68
CA GLU B 104 -6.06 33.92 -84.98
CA TYR B 105 -9.55 35.36 -85.51
CA ALA B 106 -11.55 32.57 -87.14
CA LEU B 107 -15.15 31.38 -87.07
CA GLY B 108 -15.57 27.97 -85.54
CA ALA B 109 -12.17 27.94 -83.76
CA ALA B 110 -13.71 28.87 -80.34
CA GLU B 111 -14.06 25.32 -79.03
CA ASP B 112 -10.40 24.59 -79.74
CA ILE B 113 -9.19 27.95 -78.36
CA ALA B 114 -11.31 27.42 -75.18
CA ASN B 115 -9.70 24.01 -74.69
CA LYS B 116 -6.20 25.49 -75.02
CA ILE B 117 -7.13 28.21 -72.52
CA LYS B 118 -8.35 25.52 -70.06
CA GLN B 119 -5.01 23.68 -70.53
CA THR B 120 -2.96 26.86 -70.06
CA THR B 121 -5.00 27.72 -66.93
CA ASP B 122 -4.17 24.30 -65.44
CA GLU B 123 -0.50 24.92 -66.38
CA TYR B 124 -0.66 28.28 -64.59
CA ILE B 125 -2.21 26.67 -61.48
CA ASN B 126 0.52 24.02 -61.60
CA THR B 127 3.28 26.66 -61.83
CA ILE B 128 2.13 28.68 -58.84
CA LEU B 129 1.29 25.89 -56.33
CA PRO B 130 3.95 24.35 -53.91
CA PRO B 131 4.90 20.66 -54.36
CA LEU B 132 3.50 18.63 -51.43
CA THR B 133 0.18 20.56 -51.28
CA LYS B 134 -0.18 20.10 -55.05
CA ALA B 135 0.44 16.33 -54.71
CA LEU B 136 -2.03 16.09 -51.81
CA PHE B 137 -4.82 17.87 -53.77
CA LYS B 138 -4.13 15.68 -56.80
CA TYR B 139 -4.28 12.54 -54.66
CA VAL B 140 -7.67 13.63 -53.26
CA ARG B 141 -8.97 14.16 -56.83
CA GLU B 142 -7.53 10.96 -58.39
CA GLY B 143 -6.30 8.33 -55.80
CA LYS B 144 -8.05 4.93 -55.03
CA TYR B 145 -6.20 3.23 -52.15
CA THR B 146 -8.23 0.78 -50.01
CA PHE B 147 -7.27 -1.24 -46.86
CA CYS B 148 -5.56 1.80 -45.51
CA THR B 149 -5.14 3.78 -42.34
CA PRO B 150 -6.54 6.27 -41.15
CA GLY B 151 -9.29 3.76 -40.40
CA HIS B 152 -11.91 6.25 -41.53
CA MET B 153 -10.76 5.79 -45.16
CA GLY B 154 -11.35 9.22 -46.64
CA GLY B 155 -14.33 9.79 -44.32
CA THR B 156 -16.09 6.53 -45.33
CA ALA B 157 -16.36 5.20 -41.77
CA PHE B 158 -18.11 8.40 -40.62
CA GLN B 159 -20.97 7.95 -43.17
CA LYS B 160 -22.16 4.70 -41.63
CA SER B 161 -22.98 6.46 -38.34
CA PRO B 162 -25.69 9.06 -37.66
CA VAL B 163 -23.36 11.23 -35.57
CA GLY B 164 -20.40 10.44 -37.87
CA SER B 165 -22.43 11.66 -40.86
CA LEU B 166 -22.85 15.02 -39.15
CA PHE B 167 -19.09 15.26 -38.51
CA TYR B 168 -18.34 14.28 -42.15
CA ASP B 169 -20.87 16.74 -43.52
CA PHE B 170 -19.51 19.55 -41.37
CA PHE B 171 -15.85 19.17 -42.45
CA GLY B 172 -16.68 18.00 -46.02
CA PRO B 173 -15.23 15.50 -48.52
CA ASN B 174 -11.90 17.24 -49.26
CA THR B 175 -10.96 17.60 -45.57
CA MET B 176 -11.85 13.96 -44.90
CA LYS B 177 -10.12 12.56 -48.00
CA SER B 178 -6.91 14.53 -47.44
CA ASP B 179 -6.42 12.85 -44.07
CA ILE B 180 -4.01 10.15 -45.28
CA SER B 181 -0.98 8.08 -44.19
CA ILE B 182 2.36 6.97 -45.71
CA SER B 183 0.39 4.21 -47.52
CA VAL B 184 -0.04 6.98 -50.15
CA SER B 185 3.47 6.35 -51.36
CA GLU B 186 3.51 9.07 -53.91
CA LEU B 187 3.46 11.76 -51.19
CA GLY B 188 6.66 10.38 -49.65
CA SER B 189 7.13 10.56 -45.89
CA LEU B 190 7.56 13.29 -43.31
CA LEU B 191 9.73 11.14 -41.04
CA ASP B 192 11.97 9.91 -43.89
CA HIS B 193 12.01 13.41 -45.40
CA SER B 194 11.35 11.79 -48.76
CA GLY B 195 9.55 12.65 -52.05
CA PRO B 196 7.28 15.71 -51.98
CA HIS B 197 8.07 16.09 -48.23
CA LYS B 198 11.73 16.64 -49.16
CA GLU B 199 10.61 19.07 -51.81
CA ALA B 200 8.41 20.87 -49.25
CA GLU B 201 11.32 21.20 -46.80
CA GLN B 202 13.64 22.61 -49.48
CA TYR B 203 10.90 24.93 -50.69
CA ILE B 204 10.33 26.24 -47.13
CA ALA B 205 14.04 26.62 -46.42
CA ARG B 206 14.43 28.79 -49.52
CA VAL B 207 11.45 31.02 -48.70
CA PHE B 208 12.46 31.41 -45.03
CA ASN B 209 16.24 31.95 -45.59
CA ALA B 210 17.37 28.76 -43.83
CA ASP B 211 20.02 26.18 -44.80
CA ARG B 212 17.58 23.47 -43.67
CA SER B 213 13.93 23.57 -42.43
CA TYR B 214 11.83 20.99 -40.57
CA MET B 215 8.02 20.81 -40.46
CA VAL B 216 6.72 20.17 -36.93
CA THR B 217 3.11 19.08 -36.36
CA ASN B 218 2.98 19.52 -32.60
CA GLY B 219 3.59 23.28 -32.34
CA THR B 220 6.64 25.33 -31.38
CA SER B 221 6.19 23.73 -27.90
CA THR B 222 7.61 20.63 -29.63
CA ALA B 223 9.97 22.42 -32.03
CA ASN B 224 11.70 24.01 -28.96
CA LYS B 225 12.28 20.55 -27.44
CA ILE B 226 13.63 19.00 -30.64
CA VAL B 227 16.22 21.77 -30.87
CA GLY B 228 16.90 21.58 -27.10
CA MET B 229 17.34 17.80 -26.86
CA TYR B 230 19.75 17.71 -29.79
CA SER B 231 21.71 20.68 -28.44
CA ALA B 232 22.02 20.02 -24.68
CA PRO B 233 23.20 16.55 -23.58
CA ALA B 234 22.79 15.41 -19.93
CA GLY B 235 25.21 17.11 -17.57
CA SER B 236 25.53 20.16 -19.78
CA THR B 237 24.82 23.77 -18.92
CA ILE B 238 22.54 25.99 -21.11
CA LEU B 239 21.95 29.75 -21.18
CA ILE B 240 18.22 30.45 -21.15
CA ASP B 241 16.17 33.61 -21.42
CA ARG B 242 14.38 34.09 -18.09
CA ASN B 243 11.56 35.38 -20.28
CA CYS B 244 10.92 31.90 -21.65
CA HIS B 245 7.86 29.98 -22.87
CA LYS B 246 6.60 27.19 -20.64
CA SER B 247 7.77 24.63 -23.25
CA LEU B 248 11.40 25.61 -22.43
CA THR B 249 10.70 24.99 -18.72
CA HIS B 250 9.30 21.61 -19.83
CA LEU B 251 12.57 20.99 -21.71
CA MET B 252 14.61 21.70 -18.52
CA MET B 253 12.29 19.40 -16.56
CA MET B 254 12.86 16.65 -19.12
CA SER B 255 16.60 17.07 -19.75
CA ASP B 256 19.28 16.65 -17.09
CA VAL B 257 20.78 20.09 -17.72
CA THR B 258 21.79 23.05 -15.58
CA PRO B 259 20.37 26.45 -16.47
CA ILE B 260 21.99 29.86 -16.18
CA TYR B 261 19.50 32.66 -16.99
CA PHE B 262 19.85 35.60 -19.29
CA ARG B 263 18.19 38.45 -17.32
CA PRO B 264 15.75 40.61 -19.26
CA THR B 265 14.98 44.20 -18.24
CA ARG B 266 11.42 45.61 -17.74
CA ASN B 267 9.65 48.95 -17.40
CA ALA B 268 7.15 50.43 -14.89
CA TYR B 269 4.18 49.20 -17.01
CA GLY B 270 5.50 45.65 -16.49
CA ILE B 271 6.45 45.29 -20.16
CA LEU B 272 9.57 43.13 -20.58
CA GLY B 273 12.62 44.61 -22.16
CA GLY B 274 15.62 43.03 -23.77
CA ILE B 275 18.40 41.09 -22.12
CA PRO B 276 21.16 43.77 -21.89
CA GLN B 277 24.30 43.52 -24.09
CA SER B 278 26.36 42.74 -20.93
CA GLU B 279 24.58 39.37 -20.49
CA PHE B 280 26.08 38.05 -23.76
CA GLN B 281 29.70 38.91 -22.94
CA HIS B 282 32.28 36.27 -22.16
CA ALA B 283 33.26 37.69 -18.75
CA THR B 284 29.67 37.80 -17.50
CA ILE B 285 28.98 34.21 -18.49
CA ALA B 286 32.30 32.94 -17.09
CA LYS B 287 31.50 34.49 -13.70
CA ARG B 288 28.04 32.82 -13.59
CA VAL B 289 29.56 29.48 -14.63
CA LYS B 290 32.00 29.87 -11.68
CA GLU B 291 29.16 30.65 -9.22
CA THR B 292 26.75 27.96 -10.46
CA PRO B 293 27.08 24.46 -8.98
CA ASN B 294 27.90 21.80 -11.59
CA ALA B 295 27.90 24.39 -14.36
CA THR B 296 30.35 24.18 -17.23
CA TRP B 297 30.69 26.48 -20.24
CA PRO B 298 27.22 26.68 -21.91
CA VAL B 299 26.81 24.43 -24.94
CA HIS B 300 23.44 25.99 -25.98
CA ALA B 301 21.69 29.38 -25.56
CA VAL B 302 17.95 30.17 -26.02
CA ILE B 303 16.69 33.74 -26.51
CA THR B 304 13.03 34.75 -26.99
CA ASN B 305 13.02 37.01 -30.01
CA SER B 306 10.90 39.10 -30.25
CA THR B 307 9.36 39.62 -26.85
CA TYR B 308 5.53 39.36 -26.78
CA ASP B 309 5.16 43.17 -26.99
CA GLY B 310 7.36 43.30 -30.10
CA LEU B 311 10.90 44.11 -28.99
CA LEU B 312 13.39 42.55 -31.32
CA TYR B 313 17.12 42.15 -30.62
CA ASN B 314 20.05 43.25 -32.71
CA THR B 315 20.85 39.61 -33.60
CA ASP B 316 24.04 40.63 -35.44
CA PHE B 317 25.44 41.73 -32.09
CA ILE B 318 24.31 38.53 -30.38
CA LYS B 319 25.84 36.22 -33.01
CA LYS B 320 29.14 38.16 -32.89
CA THR B 321 29.25 38.43 -29.08
CA LEU B 322 27.77 35.29 -27.59
CA ASP B 323 30.58 32.69 -27.39
CA VAL B 324 28.22 29.70 -27.55
CA LYS B 325 28.34 27.18 -30.38
CA SER B 326 24.54 26.81 -30.61
CA ILE B 327 22.12 29.72 -30.42
CA HIS B 328 18.32 29.18 -30.57
CA PHE B 329 15.99 32.13 -31.13
CA ASP B 330 12.46 31.14 -29.98
CA SER B 331 10.85 33.18 -32.75
CA ALA B 332 7.24 31.99 -32.25
CA TRP B 333 5.90 35.57 -32.48
CA VAL B 334 7.86 36.67 -35.55
CA PRO B 335 7.54 34.01 -38.34
CA TYR B 336 7.41 36.78 -40.99
CA THR B 337 10.81 38.46 -40.44
CA ASN B 338 12.31 37.19 -43.69
CA PHE B 339 9.65 39.01 -45.77
CA SER B 340 10.42 42.66 -45.11
CA PRO B 341 13.83 44.37 -45.11
CA ILE B 342 12.84 46.15 -41.85
CA TYR B 343 13.64 42.97 -39.93
CA GLU B 344 17.20 42.49 -41.31
CA GLY B 345 19.73 42.13 -38.47
CA LYS B 346 16.85 41.45 -36.04
CA CYS B 347 16.04 37.78 -36.55
CA GLY B 348 17.82 34.42 -36.20
CA MET B 349 18.08 33.69 -39.93
CA SER B 350 19.22 37.18 -40.98
CA GLY B 351 22.53 37.24 -42.91
CA GLY B 352 24.73 34.23 -43.58
CA ARG B 353 26.44 31.51 -41.61
CA VAL B 354 28.28 32.27 -38.40
CA GLU B 355 31.62 30.42 -38.37
CA GLY B 356 31.69 27.81 -35.62
CA LYS B 357 28.03 28.24 -34.56
CA VAL B 358 24.65 26.77 -35.49
CA ILE B 359 21.70 29.22 -35.31
CA TYR B 360 18.03 28.18 -35.01
CA GLU B 361 14.67 29.86 -35.31
CA THR B 362 11.59 28.04 -34.09
CA GLN B 363 8.40 29.58 -35.48
CA SER B 364 4.68 29.14 -34.80
CA THR B 365 3.43 29.27 -38.38
CA HIS B 366 -0.19 29.18 -37.11
CA LEU B 368 1.18 35.05 -37.16
CA LEU B 369 1.19 33.47 -40.60
CA ALA B 370 -1.63 31.42 -42.17
CA ALA B 371 -1.47 27.76 -41.16
CA PHE B 372 -3.47 25.22 -39.14
CA SER B 373 -2.98 25.02 -35.35
CA GLN B 374 0.03 22.87 -34.41
CA ALA B 375 1.99 23.91 -37.57
CA SER B 376 5.54 24.94 -36.62
CA MET B 377 8.94 25.25 -38.36
CA ILE B 378 12.56 24.73 -37.28
CA HIS B 379 14.96 26.77 -39.35
CA VAL B 380 18.68 25.91 -39.21
CA LYS B 381 21.58 28.11 -40.22
CA GLY B 382 24.87 26.18 -39.99
CA ASP B 383 25.80 22.55 -39.81
CA VAL B 384 23.85 20.13 -37.74
CA ASN B 385 24.45 16.44 -37.57
CA GLU B 386 21.73 15.37 -39.82
CA GLU B 387 21.13 11.78 -38.57
CA THR B 388 21.37 12.69 -34.88
CA PHE B 389 19.16 15.75 -35.43
CA ASN B 390 16.60 13.44 -37.14
CA GLU B 391 16.59 11.12 -34.09
CA ALA B 392 15.75 14.18 -31.92
CA TYR B 393 13.05 15.20 -34.46
CA MET B 394 11.58 11.71 -34.58
CA MET B 395 11.51 11.36 -30.77
CA HIS B 396 8.91 14.12 -30.62
CA THR B 397 7.13 13.59 -33.99
CA THR B 398 4.22 11.23 -34.10
CA THR B 399 4.06 8.16 -36.26
CA SER B 400 1.22 9.28 -38.40
CA PRO B 401 1.35 12.91 -39.44
CA HIS B 402 -1.76 14.97 -40.07
CA TYR B 403 -1.19 15.85 -43.72
CA GLY B 404 -3.46 18.92 -43.54
CA ILE B 405 -1.25 20.51 -40.87
CA VAL B 406 1.89 19.60 -42.91
CA ALA B 407 0.37 20.99 -46.18
CA SER B 408 -0.59 24.23 -44.40
CA THR B 409 3.02 24.65 -43.25
CA GLU B 410 4.23 24.38 -46.85
CA THR B 411 1.37 26.58 -48.12
CA ALA B 412 2.29 29.27 -45.60
CA ALA B 413 5.66 29.43 -47.40
CA ALA B 414 3.99 29.47 -50.83
CA MET B 415 1.91 32.44 -49.64
CA MET B 416 4.94 34.42 -48.44
CA LYS B 417 7.00 33.73 -51.50
CA GLY B 418 8.46 36.47 -53.65
CA ASN B 419 6.51 39.62 -54.43
CA ALA B 420 3.05 38.72 -53.27
CA GLY B 421 4.45 37.67 -49.88
CA LYS B 422 6.23 41.00 -49.65
CA ARG B 423 2.94 42.74 -50.41
CA LEU B 424 1.13 40.77 -47.64
CA ILE B 425 3.68 41.65 -44.97
CA ASN B 426 3.99 45.23 -46.25
CA GLY B 427 0.21 45.52 -45.99
CA SER B 428 0.15 44.41 -42.37
CA ILE B 429 2.98 46.85 -41.50
CA GLU B 430 1.24 49.74 -43.28
CA ARG B 431 -2.04 49.02 -41.50
CA ALA B 432 -0.29 48.76 -38.10
CA ILE B 433 1.32 52.18 -38.70
CA LYS B 434 -1.95 53.71 -39.96
CA PHE B 435 -3.69 52.59 -36.76
CA ARG B 436 -0.77 53.82 -34.59
CA LYS B 437 -1.05 57.26 -36.16
CA GLU B 438 -4.87 57.21 -35.78
CA ILE B 439 -4.53 56.74 -31.98
CA LYS B 440 -2.06 59.64 -31.80
CA ARG B 441 -4.36 61.81 -33.96
CA LEU B 442 -7.48 61.07 -31.87
CA ARG B 443 -5.45 61.64 -28.71
CA THR B 444 -4.88 65.26 -29.87
CA GLU B 445 -8.35 65.78 -31.34
CA SER B 446 -10.50 64.31 -28.56
CA ASP B 447 -11.90 66.19 -25.54
CA GLY B 448 -10.04 65.08 -22.42
CA TRP B 449 -8.25 61.81 -21.80
CA PHE B 450 -7.54 59.25 -24.53
CA PHE B 451 -5.57 56.06 -25.13
CA ASP B 452 -1.91 56.41 -26.05
CA VAL B 453 0.39 54.19 -28.11
CA TRP B 454 3.65 52.92 -26.60
CA GLN B 455 6.03 54.02 -29.34
CA PRO B 456 8.45 56.81 -30.33
CA ASP B 457 7.17 60.39 -30.40
CA HIS B 458 7.61 60.40 -34.18
CA ILE B 459 7.03 57.41 -36.41
CA ASP B 460 7.33 59.14 -39.77
CA THR B 461 9.48 56.27 -40.92
CA THR B 462 8.68 52.62 -41.77
CA GLU B 463 11.17 50.50 -39.82
CA CYS B 464 11.49 48.70 -36.52
CA TRP B 465 12.05 51.88 -34.52
CA PRO B 466 15.24 51.79 -32.41
CA LEU B 467 14.91 52.22 -28.64
CA ARG B 468 17.37 55.00 -27.73
CA SER B 469 18.99 55.86 -24.37
CA ASP B 470 18.06 59.52 -25.04
CA SER B 471 14.31 58.72 -25.38
CA THR B 472 11.85 58.23 -22.55
CA TRP B 473 8.90 56.64 -24.38
CA HIS B 474 9.99 53.03 -23.82
CA GLY B 475 10.54 53.44 -20.03
CA PHE B 476 13.74 51.35 -19.89
CA LYS B 477 16.57 52.76 -17.81
CA ASN B 478 20.09 53.11 -19.31
CA ILE B 479 19.29 50.97 -22.29
CA ASP B 480 22.02 49.83 -24.63
CA ASN B 481 21.81 51.58 -27.99
CA GLU B 482 21.51 49.76 -31.33
CA HIS B 483 20.32 46.80 -29.32
CA MET B 484 16.43 46.76 -29.20
CA TYR B 485 13.83 47.69 -31.82
CA LEU B 486 10.01 47.96 -31.89
CA ASP B 487 8.14 45.77 -34.39
CA PRO B 488 5.45 48.02 -36.00
CA ILE B 489 2.85 45.23 -36.05
CA LYS B 490 2.78 44.68 -32.27
CA VAL B 491 0.64 47.61 -31.11
CA THR B 492 0.56 48.37 -27.38
CA LEU B 493 -2.09 50.81 -26.27
CA LEU B 494 -1.70 52.58 -22.95
CA THR B 495 -4.59 53.49 -20.61
CA PRO B 496 -4.63 56.52 -18.32
CA GLY B 497 -3.44 56.40 -14.76
CA MET B 498 0.18 55.54 -15.45
CA GLU B 499 2.83 58.03 -14.74
CA LYS B 500 6.15 58.71 -16.44
CA ASP B 501 7.82 58.20 -13.10
CA GLY B 502 6.34 54.75 -12.62
CA THR B 503 4.32 56.35 -9.80
CA MET B 504 0.49 56.29 -9.75
CA SER B 505 -1.92 58.82 -11.19
CA ASP B 506 -5.05 60.00 -9.32
CA PHE B 507 -7.15 59.17 -12.42
CA GLY B 508 -6.80 55.64 -13.83
CA ILE B 509 -8.63 53.16 -16.03
CA PRO B 510 -7.33 49.61 -15.47
CA ALA B 511 -6.79 47.80 -18.82
CA SER B 512 -8.91 44.83 -17.69
CA ILE B 513 -11.96 47.13 -18.04
CA VAL B 514 -11.07 48.09 -21.63
CA ALA B 515 -10.51 44.37 -22.32
CA LYS B 516 -14.01 43.55 -21.06
CA TYR B 517 -15.49 46.24 -23.32
CA LEU B 518 -13.53 44.96 -26.34
CA ASP B 519 -14.74 41.43 -25.67
CA GLU B 520 -18.36 42.72 -25.90
CA HIS B 521 -17.51 43.73 -29.45
CA GLY B 522 -15.46 40.70 -30.29
CA ILE B 523 -12.30 42.63 -30.11
CA VAL B 524 -9.81 40.63 -28.07
CA VAL B 525 -6.85 41.99 -26.40
CA GLU B 526 -4.18 39.33 -26.74
CA LYS B 527 -2.23 40.44 -23.68
CA THR B 528 -3.06 42.93 -20.95
CA GLY B 529 -1.10 44.48 -18.04
CA PRO B 530 -2.20 47.05 -15.45
CA TYR B 531 -2.33 49.95 -17.94
CA ASN B 532 -1.38 48.29 -21.28
CA LEU B 533 -3.16 46.32 -24.03
CA LEU B 534 -1.52 44.49 -26.92
CA PHE B 535 -2.95 44.12 -30.47
CA LEU B 536 -1.37 41.97 -33.15
CA PHE B 537 -1.76 43.55 -36.61
CA SER B 538 -1.15 40.33 -38.46
CA ILE B 539 -1.89 39.46 -42.04
CA GLY B 540 -5.28 38.38 -40.66
CA ILE B 541 -6.23 41.79 -39.56
CA ASP B 542 -7.71 43.71 -42.49
CA LYS B 543 -8.88 47.35 -42.69
CA THR B 544 -12.36 46.35 -41.57
CA LYS B 545 -11.08 44.84 -38.30
CA ALA B 546 -8.80 47.84 -37.66
CA LEU B 547 -11.66 50.24 -38.12
CA SER B 548 -13.86 48.17 -35.82
CA LEU B 549 -11.17 48.28 -33.10
CA LEU B 550 -10.65 52.03 -33.56
CA ARG B 551 -14.42 52.63 -33.27
CA ALA B 552 -14.67 50.38 -30.27
CA LEU B 553 -11.95 52.43 -28.56
CA THR B 554 -13.67 55.75 -29.27
CA ASP B 555 -16.94 54.16 -28.02
CA PHE B 556 -15.25 53.06 -24.79
CA LYS B 557 -14.24 56.68 -24.15
CA ARG B 558 -17.72 57.99 -25.11
CA ALA B 559 -19.47 55.51 -22.75
CA PHE B 560 -16.91 55.94 -19.99
CA ASP B 561 -17.39 59.71 -20.01
CA LEU B 562 -21.20 59.33 -19.81
CA ASN B 563 -20.68 56.88 -16.99
CA LEU B 564 -22.88 54.50 -18.71
CA ARG B 565 -24.11 51.89 -16.32
CA VAL B 566 -22.07 48.67 -16.13
CA LYS B 567 -25.36 46.89 -16.93
CA ASN B 568 -25.55 48.72 -20.30
CA MET B 569 -21.90 49.11 -21.27
CA LEU B 570 -20.62 45.74 -20.04
CA PRO B 571 -23.60 43.38 -20.25
CA SER B 572 -21.50 40.16 -20.01
CA LEU B 573 -19.79 41.43 -16.85
CA TYR B 574 -23.23 42.33 -15.46
CA ARG B 575 -24.52 38.79 -16.14
CA GLU B 576 -21.73 37.38 -13.94
CA ASP B 577 -23.26 39.04 -10.87
CA PRO B 578 -26.38 41.10 -11.70
CA GLU B 579 -27.06 41.96 -8.05
CA PHE B 580 -23.48 43.19 -7.49
CA TYR B 581 -23.50 45.26 -10.71
CA GLU B 582 -27.16 46.40 -10.81
CA ASN B 583 -26.51 50.05 -9.96
CA MET B 584 -22.79 50.55 -10.63
CA ARG B 585 -21.58 52.85 -13.38
CA ILE B 586 -18.47 52.40 -15.46
CA GLN B 587 -16.48 55.33 -13.97
CA GLU B 588 -17.07 53.94 -10.47
CA LEU B 589 -15.87 50.45 -11.46
CA ALA B 590 -12.78 52.03 -12.98
CA GLN B 591 -12.13 54.20 -9.87
CA ASN B 592 -12.59 51.43 -7.39
CA ILE B 593 -10.34 48.92 -9.18
CA HIS B 594 -7.69 51.60 -9.73
CA LYS B 595 -7.80 52.60 -6.05
CA LEU B 596 -7.36 48.93 -5.16
CA ILE B 597 -4.25 48.83 -7.38
CA VAL B 598 -2.88 52.02 -5.81
CA HIS B 599 -3.74 50.86 -2.28
CA HIS B 600 -2.21 47.39 -2.62
CA ASN B 601 0.87 49.00 -4.16
CA LEU B 602 0.55 46.46 -7.00
CA PRO B 603 3.11 47.81 -9.46
CA ASP B 604 5.93 48.21 -6.92
CA LEU B 605 5.29 44.74 -5.51
CA MET B 606 5.17 43.22 -9.00
CA TYR B 607 8.49 44.75 -9.96
CA ARG B 608 10.20 43.61 -6.73
CA ALA B 609 8.78 40.05 -6.86
CA PHE B 610 10.61 39.45 -10.17
CA GLU B 611 13.84 41.23 -9.38
CA VAL B 612 14.90 38.49 -6.94
CA LEU B 613 15.03 34.76 -7.69
CA PRO B 614 13.66 31.98 -5.56
CA THR B 615 16.44 29.64 -4.38
CA MET B 616 17.01 26.54 -6.49
CA VAL B 617 16.98 23.77 -3.92
CA MET B 618 16.66 21.04 -6.56
CA THR B 619 16.36 21.06 -10.37
CA PRO B 620 12.93 20.97 -12.05
CA TYR B 621 13.73 17.39 -13.08
CA ALA B 622 14.57 16.31 -9.52
CA ALA B 623 11.40 18.02 -8.23
CA PHE B 624 9.21 16.22 -10.79
CA GLN B 625 10.77 12.84 -9.81
CA LYS B 626 9.59 13.55 -6.25
CA GLU B 627 6.13 14.30 -7.56
CA LEU B 628 6.16 11.04 -9.51
CA HIS B 629 6.81 9.27 -6.18
CA GLY B 630 3.84 11.02 -4.55
CA MET B 631 6.03 13.21 -2.35
CA THR B 632 3.82 16.30 -2.56
CA GLU B 633 1.28 17.96 -0.29
CA GLU B 634 -0.71 21.23 -0.33
CA VAL B 635 -0.04 23.98 2.16
CA TYR B 636 -1.58 27.45 2.34
CA LEU B 637 0.21 30.13 0.32
CA ASP B 638 1.04 31.99 3.57
CA GLU B 639 3.02 28.96 4.80
CA MET B 640 5.25 28.48 1.76
CA VAL B 641 8.49 30.24 2.83
CA GLY B 642 11.17 27.55 3.26
CA ARG B 643 9.15 24.99 1.25
CA ILE B 644 10.20 23.35 -2.06
CA ASN B 645 7.68 24.23 -4.77
CA ALA B 646 6.22 21.37 -6.76
CA ASN B 647 4.57 23.38 -9.64
CA MET B 648 5.50 26.38 -11.74
CA ILE B 649 3.81 29.43 -10.27
CA LEU B 650 2.67 31.68 -13.06
CA PRO B 651 0.75 34.75 -11.96
CA TYR B 652 -1.33 37.10 -14.17
CA PRO B 653 -0.10 39.77 -14.13
CA PRO B 654 2.60 39.90 -15.39
CA GLY B 655 2.17 36.49 -17.07
CA VAL B 656 5.75 35.17 -16.75
CA PRO B 657 7.13 32.36 -14.47
CA LEU B 658 7.61 33.43 -10.85
CA VAL B 659 8.64 30.14 -9.13
CA MET B 660 9.87 26.93 -10.83
CA PRO B 661 9.40 23.39 -9.63
CA GLY B 662 12.30 22.74 -7.18
CA GLU B 663 12.65 26.34 -6.07
CA MET B 664 11.96 27.70 -2.59
CA ILE B 665 10.94 31.15 -1.36
CA THR B 666 13.31 32.32 1.43
CA GLU B 667 13.69 35.61 3.34
CA GLU B 668 15.95 36.88 0.58
CA SER B 669 13.02 36.29 -1.86
CA ARG B 670 10.04 37.21 0.38
CA PRO B 671 8.75 39.83 -2.17
CA VAL B 672 7.73 36.82 -4.31
CA LEU B 673 5.32 35.70 -1.58
CA GLU B 674 4.16 39.25 -0.82
CA PHE B 675 3.24 39.86 -4.48
CA LEU B 676 1.31 36.56 -4.57
CA GLN B 677 -0.61 37.30 -1.32
CA MET B 678 -1.47 40.76 -2.64
CA LEU B 679 -2.86 39.30 -5.92
CA CYS B 680 -5.03 36.97 -3.86
CA GLU B 681 -6.42 39.85 -1.79
CA ILE B 682 -7.00 42.37 -4.62
CA GLY B 683 -8.83 39.71 -6.68
CA ALA B 684 -11.44 38.96 -4.02
CA HIS B 685 -13.35 42.25 -4.48
CA TYR B 686 -14.89 42.37 -7.96
CA PRO B 687 -16.72 39.57 -9.75
CA GLY B 688 -15.08 39.11 -13.19
CA PHE B 689 -11.76 40.38 -11.86
CA GLU B 690 -10.72 37.21 -9.99
CA THR B 691 -7.20 36.28 -8.92
CA ASP B 692 -5.39 34.41 -11.74
CA ILE B 693 -2.33 32.49 -10.51
CA HIS B 694 -1.50 29.19 -12.16
CA GLY B 695 -0.30 26.77 -9.45
CA ALA B 696 -2.40 28.44 -6.72
CA TYR B 697 -5.74 26.92 -5.77
CA ARG B 698 -8.65 28.91 -4.38
CA GLN B 699 -10.28 27.03 -1.51
CA ALA B 700 -14.01 27.25 -0.72
CA ASP B 701 -13.15 29.65 2.14
CA GLY B 702 -11.32 32.12 -0.16
CA ARG B 703 -7.80 31.13 0.92
CA TYR B 704 -5.17 29.85 -1.59
CA THR B 705 -3.03 26.71 -1.47
CA VAL B 706 0.12 25.63 -3.33
CA LYS B 707 1.61 22.19 -3.93
CA VAL B 708 4.96 21.62 -2.20
CA LEU B 709 7.34 18.75 -1.63
CA LYS B 710 6.86 16.75 1.62
CA GLU B 711 9.36 17.48 4.36
CA HIS C 5 21.06 5.34 68.11
CA PRO C 6 18.68 3.43 65.74
CA HIS C 7 20.83 5.20 63.04
CA LEU C 8 23.91 3.52 64.37
CA LEU C 9 21.62 0.56 63.50
CA ALA C 10 21.21 1.41 59.80
CA GLU C 11 24.99 1.74 60.07
CA ARG C 12 25.59 -1.65 61.74
CA ILE C 13 23.20 -3.55 59.47
CA SER C 14 24.97 -2.12 56.43
CA ARG C 15 28.34 -3.10 57.95
CA LEU C 16 27.02 -6.55 58.87
CA SER C 17 25.54 -7.02 55.40
CA SER C 18 28.77 -5.77 53.93
CA SER C 19 30.89 -8.36 55.68
CA LEU C 20 28.38 -11.10 54.82
CA GLU C 21 28.81 -10.22 51.19
CA LYS C 22 32.56 -11.00 51.03
CA GLY C 23 33.63 -13.53 48.43
CA LEU C 24 30.28 -13.45 46.66
CA TYR C 25 29.94 -12.17 43.16
CA GLU C 26 26.76 -10.62 41.80
CA ARG C 27 24.68 -11.43 44.88
CA SER C 28 24.46 -8.24 46.93
CA HIS C 29 20.74 -7.75 46.58
CA ALA C 30 20.26 -11.41 47.40
CA ILE C 31 22.41 -11.14 50.50
CA ARG C 32 20.72 -8.02 51.82
CA LEU C 33 17.29 -9.46 51.19
CA CYS C 34 18.13 -12.70 52.98
CA LEU C 35 19.52 -10.58 55.72
CA LEU C 36 16.32 -8.52 55.73
CA ALA C 37 14.27 -11.75 55.64
CA ALA C 38 16.36 -13.32 58.42
CA LEU C 39 16.04 -10.36 60.72
CA SER C 40 12.31 -9.90 60.10
CA GLY C 41 11.22 -13.56 60.37
CA GLU C 42 10.51 -14.05 56.69
CA SER C 43 11.56 -16.64 54.20
CA VAL C 44 12.93 -16.51 50.69
CA PHE C 45 12.86 -18.78 47.63
CA LEU C 46 15.95 -18.88 45.46
CA LEU C 47 15.28 -19.79 41.84
CA GLY C 48 18.27 -20.92 39.74
CA PRO C 49 20.45 -23.58 38.06
CA PRO C 50 22.87 -25.53 40.22
CA GLY C 51 26.26 -24.43 41.51
CA ILE C 52 25.57 -20.73 41.63
CA ALA C 53 26.01 -20.33 45.36
CA LYS C 54 22.33 -20.70 46.38
CA SER C 55 23.15 -23.00 49.30
CA LEU C 56 26.22 -20.95 49.99
CA ILE C 57 24.38 -17.69 50.44
CA ALA C 58 22.05 -19.66 52.73
CA ARG C 59 24.91 -21.01 54.95
CA ARG C 60 26.43 -17.49 55.15
CA LEU C 61 23.43 -16.10 56.92
CA LYS C 62 23.98 -18.17 60.04
CA PHE C 63 26.97 -15.92 60.65
CA ALA C 64 24.69 -12.90 60.96
CA PHE C 65 23.81 -14.29 64.43
CA GLN C 66 25.73 -15.04 67.63
CA ASN C 67 24.17 -18.39 68.36
CA ALA C 68 22.67 -19.71 65.15
CA ARG C 69 22.35 -23.40 64.39
CA ALA C 70 22.00 -24.16 60.66
CA PHE C 71 20.14 -26.94 58.80
CA GLU C 72 20.59 -27.77 55.14
CA TYR C 73 18.87 -30.61 53.29
CA LEU C 74 18.41 -31.78 49.72
CA MET C 75 14.84 -32.80 48.89
CA THR C 76 14.45 -36.14 47.17
CA ARG C 77 11.09 -37.67 46.24
CA PHE C 78 11.92 -40.45 48.76
CA SER C 79 12.59 -38.02 51.61
CA THR C 80 10.51 -38.60 54.74
CA PRO C 81 9.77 -36.29 57.67
CA GLU C 82 12.11 -38.56 59.73
CA GLU C 83 15.06 -37.27 57.74
CA VAL C 84 13.88 -33.66 57.69
CA PHE C 85 12.58 -33.28 61.29
CA GLY C 86 14.24 -36.18 63.10
CA PRO C 87 13.37 -39.78 63.99
CA LEU C 88 11.31 -40.79 67.02
CA SER C 89 12.15 -43.18 69.91
CA GLU C 100 9.69 -38.71 71.50
CA ARG C 101 11.34 -37.27 68.35
CA LEU C 102 15.09 -36.77 68.00
CA THR C 103 15.09 -33.17 66.73
CA SER C 104 18.70 -32.22 67.51
CA GLY C 105 20.54 -31.81 64.17
CA TYR C 106 17.19 -31.40 62.40
CA LEU C 107 14.97 -28.60 61.17
CA PRO C 108 12.96 -28.24 64.45
CA GLU C 109 16.03 -26.74 66.19
CA ALA C 110 17.71 -24.50 63.59
CA GLU C 111 17.65 -20.72 63.13
CA ILE C 112 18.65 -20.93 59.44
CA VAL C 113 17.02 -23.67 57.40
CA PHE C 114 17.98 -24.19 53.83
CA LEU C 115 16.05 -26.75 51.78
CA ASP C 116 17.20 -27.51 48.28
CA GLU C 117 15.09 -28.92 45.43
CA ILE C 118 11.97 -28.00 47.34
CA TRP C 119 9.28 -28.73 44.79
CA LYS C 120 9.78 -32.44 45.23
CA ALA C 121 8.84 -32.63 48.89
CA GLY C 122 5.90 -35.01 49.33
CA PRO C 123 2.53 -34.23 51.04
CA ALA C 124 3.65 -35.40 54.47
CA ILE C 125 6.66 -33.10 54.30
CA LEU C 126 4.71 -30.34 52.55
CA ASN C 127 2.16 -30.35 55.36
CA THR C 128 4.57 -30.19 58.31
CA LEU C 129 6.45 -27.34 56.59
CA LEU C 130 3.25 -25.38 56.21
CA THR C 131 2.61 -25.64 59.94
CA ALA C 132 6.29 -24.92 60.57
CA ILE C 133 6.31 -21.70 58.50
CA ASN C 134 2.81 -20.59 59.57
CA GLU C 135 2.55 -21.50 63.18
CA ARG C 136 6.27 -21.44 63.93
CA GLN C 137 5.49 -24.70 65.78
CA PHE C 138 5.99 -28.46 65.44
CA ARG C 139 3.85 -31.46 66.46
CA ASN C 140 6.23 -33.58 68.53
CA GLY C 141 3.51 -36.24 68.56
CA ALA C 142 2.65 -35.32 72.15
CA HIS C 143 3.60 -31.67 72.60
CA VAL C 144 3.27 -28.80 70.15
CA GLU C 145 6.37 -26.62 70.52
CA LYS C 146 7.61 -23.33 69.04
CA ILE C 147 10.52 -23.59 66.53
CA PRO C 148 13.44 -21.12 66.75
CA MET C 149 13.56 -20.82 62.95
CA ARG C 150 14.54 -17.30 61.96
CA LEU C 151 15.25 -17.80 58.27
CA LEU C 152 14.00 -20.32 55.80
CA VAL C 153 15.38 -20.44 52.33
CA ALA C 154 14.30 -22.90 49.71
CA ALA C 155 15.85 -23.43 46.33
CA SER C 156 14.98 -25.02 42.99
CA ASN C 157 15.63 -24.47 39.34
CA GLU C 158 11.99 -24.75 38.49
CA LEU C 159 8.78 -23.23 39.70
CA PRO C 160 6.15 -25.58 41.09
CA GLU C 161 3.57 -27.38 38.95
CA ALA C 162 0.39 -25.64 37.73
CA ASP C 163 -2.30 -26.04 40.45
CA SER C 164 0.05 -28.16 42.47
CA SER C 165 0.07 -29.12 46.07
CA LEU C 166 3.24 -27.06 46.29
CA GLU C 167 1.92 -23.55 45.35
CA ALA C 168 0.52 -23.50 48.86
CA LEU C 169 4.15 -23.49 49.97
CA TYR C 170 5.50 -21.14 47.35
CA ASP C 171 2.66 -18.70 48.04
CA ARG C 172 3.78 -18.75 51.65
CA MET C 173 7.36 -17.81 50.85
CA LEU C 174 7.57 -14.05 50.77
CA ILE C 175 10.71 -13.13 48.84
CA ARG C 176 11.47 -14.62 45.41
CA LEU C 177 14.93 -14.21 43.85
CA TRP C 178 15.91 -15.41 40.36
CA LEU C 179 19.61 -16.11 40.30
CA ASP C 180 21.93 -16.92 37.40
CA LYS C 181 25.63 -17.69 36.85
CA VAL C 182 28.01 -14.71 37.06
CA GLN C 183 27.58 -12.53 33.96
CA ASP C 184 30.54 -10.13 34.21
CA LYS C 185 33.83 -11.56 32.90
CA ALA C 186 35.86 -9.64 35.49
CA ASN C 187 33.60 -11.04 38.21
CA PHE C 188 33.93 -14.54 36.82
CA ARG C 189 37.70 -14.32 37.21
CA SER C 190 37.50 -12.99 40.74
CA MET C 191 35.01 -15.66 41.64
CA LEU C 192 37.32 -18.20 40.04
CA THR C 193 40.46 -17.18 41.90
CA SER C 194 38.97 -16.17 45.22
CA GLN C 195 41.01 -17.58 48.09
CA GLN C 196 38.03 -16.95 50.32
CA ASP C 197 37.27 -19.98 52.51
CA GLU C 198 33.57 -20.22 51.84
CA ASN C 199 32.70 -21.93 55.19
CA ASP C 200 34.52 -19.49 57.49
CA ASN C 201 32.86 -16.76 59.53
CA PRO C 202 33.56 -13.48 57.71
CA VAL C 203 31.52 -11.42 60.19
CA PRO C 204 33.22 -9.39 62.95
CA ASP C 205 32.08 -10.56 66.40
CA ALA C 206 30.84 -7.06 67.19
CA LEU C 207 28.37 -7.05 64.32
CA GLN C 208 26.53 -10.37 64.80
CA VAL C 209 23.07 -10.06 66.32
CA THR C 210 22.21 -11.16 69.84
CA ASP C 211 19.01 -13.06 70.60
CA GLU C 212 18.22 -10.11 72.85
CA GLU C 213 18.41 -7.89 69.80
CA TYR C 214 16.69 -10.31 67.42
CA GLU C 215 13.64 -10.73 69.67
CA ARG C 216 13.38 -7.01 70.54
CA TRP C 217 13.46 -6.10 66.84
CA GLN C 218 10.79 -8.66 66.05
CA LYS C 219 8.55 -6.66 68.34
CA GLU C 220 9.87 -3.30 67.18
CA ILE C 221 9.23 -3.88 63.46
CA GLY C 222 5.51 -4.17 64.30
CA GLU C 223 5.62 -0.58 65.52
CA ILE C 224 6.93 1.01 62.28
CA THR C 225 4.06 3.04 60.83
CA LEU C 226 2.30 3.10 57.51
CA PRO C 227 1.90 6.71 56.39
CA ASP C 228 -1.20 7.63 54.40
CA HIS C 229 0.66 8.33 51.21
CA VAL C 230 2.43 4.97 51.38
CA PHE C 231 -0.77 3.06 52.00
CA GLU C 232 -2.39 5.06 49.26
CA LEU C 233 0.35 3.94 46.85
CA ILE C 234 0.12 0.30 47.94
CA PHE C 235 -3.66 0.34 47.50
CA MET C 236 -3.31 2.00 44.15
CA LEU C 237 -1.11 -0.78 42.93
CA ARG C 238 -3.47 -3.45 44.33
CA GLN C 239 -6.25 -1.91 42.23
CA GLN C 240 -3.92 -1.55 39.24
CA LEU C 241 -2.86 -5.17 39.38
CA ASP C 242 -6.46 -6.30 39.61
CA LYS C 243 -7.64 -4.40 36.55
CA LEU C 244 -4.82 -5.92 34.44
CA PRO C 245 -6.02 -9.41 33.47
CA ASP C 246 -2.60 -11.04 33.18
CA ALA C 247 -1.37 -9.56 36.46
CA PRO C 248 -0.50 -12.20 39.06
CA TYR C 249 -3.09 -12.83 41.69
CA VAL C 250 -1.86 -11.32 44.96
CA SER C 251 -3.67 -12.52 48.03
CA ASP C 252 -4.36 -10.47 51.15
CA ARG C 253 -2.06 -12.87 53.03
CA ARG C 254 0.72 -11.91 50.61
CA TRP C 255 0.10 -8.16 51.01
CA LYS C 256 -0.01 -8.45 54.77
CA LYS C 257 3.36 -10.19 54.70
CA ALA C 258 4.80 -7.88 52.05
CA ILE C 259 3.93 -5.09 54.48
CA ARG C 260 5.97 -6.43 57.36
CA LEU C 261 8.96 -6.63 54.98
CA LEU C 262 8.38 -3.01 54.01
CA GLN C 263 8.37 -2.26 57.73
CA ALA C 264 11.59 -4.15 58.47
CA SER C 265 13.23 -2.32 55.58
CA ALA C 266 12.27 1.05 57.10
CA PHE C 267 13.18 0.03 60.64
CA PHE C 268 16.56 -1.29 59.66
CA SER C 269 17.16 1.71 57.43
CA GLY C 270 16.97 3.83 60.56
CA ARG C 271 13.41 5.11 60.07
CA SER C 272 10.15 4.94 62.01
CA ALA C 273 7.83 4.90 59.02
CA VAL C 274 7.70 2.85 55.83
CA ALA C 275 8.74 5.09 52.90
CA PRO C 276 7.75 5.02 49.22
CA VAL C 277 11.27 3.72 48.47
CA ASP C 278 10.54 0.53 50.49
CA LEU C 279 7.84 -0.19 47.91
CA ILE C 280 10.58 -1.20 45.53
CA LEU C 281 11.00 -4.36 47.62
CA LEU C 282 7.57 -5.34 46.29
CA LYS C 283 9.44 -6.16 43.04
CA ASP C 284 10.85 -9.16 44.92
CA CYS C 285 7.74 -10.13 46.35
CA LEU C 286 6.07 -10.60 42.89
CA TRP C 287 8.33 -11.29 40.37
CA TYR C 288 8.21 -12.55 37.16
CA ASP C 289 11.54 -13.16 35.81
CA ALA C 290 14.73 -11.02 34.56
CA GLN C 291 11.98 -9.31 33.34
CA SER C 292 10.30 -8.24 36.47
CA LEU C 293 12.91 -5.48 36.81
CA ASN C 294 11.67 -3.69 33.66
CA LEU C 295 8.03 -4.04 34.71
CA ILE C 296 8.75 -2.62 38.20
CA GLN C 297 10.71 0.34 36.75
CA GLN C 298 7.90 1.23 34.36
CA GLN C 299 5.19 0.95 37.01
CA ILE C 300 6.93 2.97 39.70
CA ASP C 301 7.96 5.48 37.09
CA VAL C 302 4.27 5.79 36.10
CA LEU C 303 3.15 6.03 39.70
CA MET C 304 5.88 8.62 40.31
CA THR C 305 5.12 10.88 37.37
CA GLY C 306 1.35 10.54 37.24
CA HIS C 307 0.08 10.36 40.74
CA ALA C 308 2.73 10.88 43.43
CA TRP C 309 2.43 14.66 43.12
CA GLN C 310 -1.08 14.82 41.75
CA GLN C 311 0.07 15.24 38.12
CA GLN C 312 -2.53 13.49 36.03
CA GLY C 313 -5.17 14.66 38.54
CA MET C 314 -4.25 18.29 38.01
CA LEU C 315 -4.33 17.68 34.27
CA THR C 316 -7.77 16.12 34.71
CA ARG C 317 -8.86 19.37 36.34
CA LEU C 318 -7.05 21.40 33.72
CA GLY C 319 -9.11 20.01 30.89
CA ALA C 320 -12.32 20.44 32.88
CA ILE C 321 -11.67 24.17 32.98
CA VAL C 322 -10.45 24.43 29.37
CA GLN C 323 -13.77 22.75 28.61
CA ARG C 324 -15.76 25.41 30.47
CA HIS C 325 -13.69 28.15 28.89
CA LEU C 326 -14.80 26.82 25.51
CA GLN C 327 -18.42 26.62 26.58
CA LEU C 328 -18.31 30.24 27.70
CA GLN C 329 -16.51 31.31 24.53
CA GLN C 330 -19.33 29.98 22.37
CA THR C 363 -3.75 9.96 19.60
CA LEU C 364 -6.01 13.02 19.89
CA THR C 365 -9.44 13.18 21.51
CA LEU C 366 -12.31 15.19 20.06
CA LEU C 367 -15.31 16.44 22.02
CA LEU C 368 -18.76 16.81 20.44
CA GLN C 369 -21.05 19.88 20.55
CA LYS C 370 -24.12 17.66 20.69
CA PRO C 371 -23.42 14.48 22.69
CA LEU C 372 -24.87 11.42 20.95
CA LYS C 373 -26.03 7.90 21.79
CA LEU C 374 -23.42 5.70 20.08
CA HIS C 375 -23.13 1.92 20.57
CA ASP C 376 -25.80 1.91 23.31
CA MET C 377 -24.10 4.63 25.39
CA GLU C 378 -23.95 8.42 25.43
CA VAL C 379 -20.55 9.75 24.30
CA VAL C 380 -19.07 13.21 24.96
CA HIS C 381 -15.63 12.59 23.38
CA ILE C 382 -14.00 10.25 20.84
CA SER C 383 -10.27 9.53 20.72
CA PHE C 384 -8.62 8.79 17.38
CA GLU C 385 -5.22 7.43 16.53
CA ARG C 386 -3.99 10.47 14.57
CA SER C 387 -2.39 8.11 12.04
CA ALA C 388 -5.76 6.44 11.32
CA LEU C 389 -7.52 9.80 10.99
CA GLU C 390 -4.90 10.92 8.44
CA GLN C 391 -5.48 8.06 5.99
CA TRP C 392 -9.26 8.44 6.29
CA LEU C 393 -9.00 12.16 5.55
CA SER C 394 -6.94 11.29 2.46
CA LYS C 395 -8.13 7.90 1.13
CA GLY C 396 -11.57 7.79 2.80
CA GLY C 397 -13.14 4.42 3.54
CA GLU C 398 -13.99 3.43 7.11
CA ILE C 399 -12.71 4.96 10.35
CA ARG C 400 -12.72 3.59 13.90
CA GLY C 401 -12.53 5.54 17.17
CA LYS C 402 -12.67 4.63 20.86
CA LEU C 403 -15.81 6.10 22.42
CA ASN C 404 -15.24 8.24 25.53
CA GLY C 405 -11.54 7.40 25.16
CA ILE C 406 -12.04 3.83 26.42
CA GLY C 407 -12.79 0.35 25.08
CA PHE C 408 -12.31 -0.93 21.54
CA ALA C 409 -11.86 1.27 18.46
CA GLN C 410 -15.43 1.26 17.13
CA LYS C 411 -16.41 1.99 13.52
CA LEU C 412 -18.02 5.42 13.14
CA ASN C 413 -20.47 7.22 10.86
CA LEU C 414 -18.12 10.12 10.13
CA GLU C 415 -18.17 12.66 7.30
CA VAL C 416 -16.31 15.80 6.20
CA ASP C 417 -18.68 18.78 6.41
CA SER C 418 -19.20 21.54 3.81
CA ALA C 419 -17.91 23.96 6.46
CA GLN C 420 -14.87 21.60 6.55
CA HIS C 421 -15.82 20.12 9.95
CA LEU C 422 -16.03 16.50 11.13
CA VAL C 423 -19.54 15.22 11.82
CA VAL C 424 -20.42 11.95 13.60
CA ARG C 425 -23.89 10.47 13.23
CA ASP C 426 -25.93 8.00 15.28
CA VAL C 427 -28.52 5.44 14.12
CA SER C 428 -31.11 8.24 13.91
CA LEU C 429 -28.64 10.02 11.56
CA GLN C 430 -28.41 12.81 14.19
CA GLY C 431 -25.25 14.81 13.50
CA SER C 432 -22.65 16.27 15.84
CA THR C 433 -19.69 18.53 15.09
CA LEU C 434 -16.31 17.55 16.55
CA ALA C 435 -14.17 20.04 18.47
CA LEU C 436 -10.61 19.92 19.82
CA PRO C 437 -10.07 20.50 23.60
CA GLY C 438 -9.56 23.97 25.14
CA SER C 439 -6.22 25.77 25.02
CA SER C 440 -4.64 28.69 26.85
CA ALA C 441 -2.07 30.78 28.93
CA GLU C 442 -2.80 28.48 32.46
CA GLY C 443 -5.59 26.19 31.26
CA LEU C 444 -9.35 34.53 30.42
CA PRO C 445 -13.09 35.55 32.21
CA GLY C 446 -13.78 35.47 35.78
CA GLU C 447 -14.91 31.94 36.56
CA ILE C 448 -11.94 30.63 34.61
CA LYS C 449 -9.35 32.97 36.20
CA GLN C 450 -10.62 31.91 39.61
CA GLN C 451 -10.48 28.19 38.75
CA LEU C 452 -7.22 28.31 36.83
CA GLU C 453 -5.74 30.19 39.79
CA GLU C 454 -6.66 27.57 42.36
CA LEU C 455 -5.20 24.94 40.03
CA GLU C 456 -1.94 26.85 39.67
CA SER C 457 -1.81 27.41 43.42
CA ASP C 458 -2.28 23.69 44.16
CA TRP C 459 0.37 22.93 41.54
CA ARG C 460 2.77 25.22 43.36
CA LYS C 461 1.91 23.43 46.60
CA GLN C 462 2.69 20.10 44.88
CA HIS C 463 5.95 21.41 43.46
CA ALA C 464 6.87 22.89 46.78
CA LEU C 465 6.33 19.52 48.48
CA PHE C 466 8.28 17.77 45.80
CA SER C 467 11.32 20.04 46.03
CA GLU C 468 11.21 19.94 49.81
CA GLN C 469 11.45 16.13 49.83
CA GLN C 470 13.76 15.29 46.94
CA LYS C 471 16.75 16.07 49.21
CA CYS C 472 17.01 12.38 49.79
CA LEU C 473 20.21 10.37 49.98
CA PHE C 474 18.58 7.14 48.91
CA ILE C 475 17.06 8.19 45.59
CA PRO C 476 18.98 8.25 42.29
CA GLY C 477 19.09 11.70 40.66
CA ASP C 478 17.66 10.52 37.34
CA TRP C 479 14.27 9.82 38.96
CA LEU C 480 14.19 13.30 40.52
CA GLY C 481 14.83 14.57 37.01
CA ARG C 482 11.79 12.72 35.63
CA ILE C 483 9.53 13.92 38.45
CA GLU C 484 10.66 17.53 38.16
CA ALA C 485 10.14 17.26 34.39
CA SER C 486 6.63 15.81 34.82
CA LEU C 487 5.78 18.65 37.23
CA GLN C 488 7.07 21.28 34.78
CA ASP C 489 4.82 19.78 32.11
CA VAL C 490 1.68 20.41 34.20
CA GLY C 491 2.75 23.92 35.25
CA ALA C 492 3.47 24.91 31.65
CA GLN C 493 0.02 23.71 30.57
CA ILE C 494 -1.57 25.64 33.41
CA ARG C 495 0.31 28.78 32.31
CA GLN C 496 -0.51 28.30 28.65
CA ALA C 497 -4.15 27.86 29.73
CA GLN C 498 -4.37 31.17 31.70
CA GLN C 499 -3.66 34.41 29.98
CA HIS D 5 57.99 -32.55 25.63
CA PRO D 6 54.18 -31.88 25.59
CA HIS D 7 54.57 -33.03 21.90
CA LEU D 8 55.90 -36.35 23.06
CA LEU D 9 52.46 -36.15 24.75
CA ALA D 10 50.42 -35.79 21.54
CA GLU D 11 52.61 -38.72 20.52
CA ARG D 12 51.93 -40.86 23.62
CA ILE D 13 48.18 -40.19 23.65
CA SER D 14 47.97 -41.22 20.01
CA ARG D 15 49.98 -44.39 20.81
CA LEU D 16 47.84 -45.05 23.89
CA SER D 17 44.64 -44.49 21.93
CA SER D 18 46.02 -46.66 19.19
CA SER D 19 46.60 -49.63 21.47
CA LEU D 20 43.19 -49.13 23.09
CA GLU D 21 41.62 -49.44 19.68
CA LYS D 22 42.86 -53.00 19.00
CA GLY D 23 40.20 -55.55 18.19
CA LEU D 24 37.50 -52.94 17.72
CA TYR D 25 35.89 -52.38 14.39
CA GLU D 26 34.41 -49.05 13.33
CA ARG D 27 34.88 -47.40 16.71
CA SER D 28 37.99 -45.24 16.48
CA HIS D 29 36.27 -41.93 16.94
CA ALA D 30 34.35 -43.41 19.85
CA ILE D 31 37.53 -44.70 21.46
CA ARG D 32 39.43 -41.44 21.11
CA LEU D 33 36.51 -39.45 22.41
CA CYS D 34 36.10 -41.68 25.44
CA LEU D 35 39.78 -41.37 25.91
CA LEU D 36 39.47 -37.60 25.59
CA ALA D 37 36.49 -37.65 27.98
CA ALA D 38 38.33 -39.93 30.45
CA LEU D 39 41.42 -37.77 30.55
CA SER D 40 39.50 -34.49 30.84
CA GLY D 41 36.94 -35.55 33.49
CA GLU D 42 33.96 -35.66 31.16
CA SER D 43 31.33 -38.23 30.48
CA VAL D 44 29.84 -39.71 27.35
CA PHE D 45 26.50 -41.24 26.36
CA LEU D 46 26.54 -44.12 23.92
CA LEU D 47 23.37 -44.50 21.88
CA GLY D 48 22.80 -47.83 20.11
CA PRO D 49 21.19 -51.29 19.78
CA PRO D 50 22.55 -54.10 21.91
CA GLY D 51 25.68 -56.17 21.32
CA ILE D 52 27.66 -53.57 19.44
CA ALA D 53 30.47 -53.28 21.92
CA LYS D 54 29.12 -50.31 23.93
CA SER D 55 29.99 -51.89 27.28
CA LEU D 56 33.15 -53.26 25.76
CA ILE D 57 34.50 -49.90 24.70
CA ALA D 58 33.65 -48.76 28.24
CA ARG D 59 35.62 -51.60 29.94
CA ARG D 60 38.61 -50.94 27.62
CA LEU D 61 39.13 -47.48 28.98
CA LYS D 62 40.13 -48.71 32.42
CA PHE D 63 43.32 -49.89 30.75
CA ALA D 64 44.21 -46.32 29.85
CA PHE D 65 45.15 -45.93 33.55
CA GLN D 66 47.68 -47.56 35.90
CA ASN D 67 45.38 -48.00 38.85
CA ALA D 68 41.81 -47.85 37.59
CA ARG D 69 38.96 -49.68 39.25
CA ALA D 70 35.95 -50.24 36.94
CA PHE D 71 32.20 -50.42 37.66
CA GLU D 72 29.59 -51.68 35.24
CA TYR D 73 25.87 -52.01 35.95
CA LEU D 74 22.69 -52.67 34.05
CA MET D 75 19.81 -50.36 34.98
CA THR D 76 16.51 -52.05 35.74
CA ARG D 77 13.38 -50.20 36.85
CA PHE D 78 13.71 -52.10 40.17
CA SER D 79 17.30 -51.01 40.73
CA THR D 80 17.94 -49.23 44.03
CA PRO D 81 20.85 -47.02 45.12
CA GLU D 82 21.91 -49.94 47.38
CA GLU D 83 22.85 -51.93 44.30
CA VAL D 84 24.42 -49.00 42.47
CA PHE D 85 26.30 -47.29 45.35
CA GLY D 86 26.51 -50.02 47.97
CA PRO D 87 24.49 -51.16 51.00
CA LEU D 88 24.82 -49.64 54.47
CA SER D 89 25.63 -51.29 57.83
CA GLU D 100 28.14 -46.64 57.12
CA ARG D 101 27.78 -47.59 53.41
CA LEU D 102 29.69 -50.47 51.82
CA THR D 103 31.04 -48.67 48.74
CA SER D 104 33.86 -51.08 47.78
CA GLY D 105 32.87 -52.77 44.49
CA TYR D 106 30.37 -49.97 43.82
CA LEU D 107 30.22 -46.75 41.87
CA PRO D 108 31.53 -44.50 44.70
CA GLU D 109 35.03 -46.04 44.31
CA ALA D 110 35.53 -46.51 40.56
CA GLU D 111 37.48 -44.46 38.01
CA ILE D 112 35.50 -45.84 35.05
CA VAL D 113 31.76 -46.21 35.54
CA PHE D 114 29.65 -47.71 32.85
CA LEU D 115 25.87 -47.75 33.32
CA ASP D 116 23.75 -49.52 30.77
CA GLU D 117 20.07 -48.86 30.02
CA ILE D 118 20.33 -45.55 31.78
CA TRP D 119 16.97 -44.01 31.01
CA LYS D 120 15.25 -46.39 33.38
CA ALA D 121 17.01 -45.28 36.53
CA GLY D 122 14.43 -44.07 39.07
CA PRO D 123 14.37 -40.65 40.84
CA ALA D 124 16.39 -41.82 43.85
CA ILE D 125 19.12 -43.09 41.54
CA LEU D 126 18.73 -40.18 39.13
CA ASN D 127 19.26 -37.73 41.97
CA THR D 128 22.41 -39.29 43.47
CA LEU D 129 23.93 -39.52 39.97
CA LEU D 130 23.33 -35.84 39.40
CA THR D 131 25.24 -35.01 42.59
CA ALA D 132 27.84 -37.59 41.63
CA ILE D 133 28.47 -36.12 38.17
CA ASN D 134 28.14 -32.47 39.29
CA GLU D 135 29.75 -32.33 42.65
CA ARG D 136 32.07 -35.30 42.17
CA GLN D 137 30.90 -36.21 45.71
CA PHE D 138 28.67 -38.71 47.51
CA ARG D 139 26.47 -38.43 50.63
CA ASN D 140 27.67 -41.33 52.80
CA GLY D 141 24.75 -40.50 55.12
CA ALA D 142 27.18 -38.87 57.56
CA HIS D 143 30.12 -37.63 55.50
CA VAL D 144 30.14 -36.07 52.04
CA GLU D 145 33.19 -37.42 50.20
CA LYS D 146 34.83 -36.84 46.80
CA ILE D 147 34.48 -39.70 44.25
CA PRO D 148 37.53 -40.76 42.17
CA MET D 149 35.35 -41.13 39.06
CA ARG D 150 37.30 -40.16 35.97
CA LEU D 151 35.00 -41.46 33.26
CA LEU D 152 31.30 -42.07 33.18
CA VAL D 153 29.70 -43.69 30.23
CA ALA D 154 26.03 -44.44 29.97
CA ALA D 155 24.32 -46.40 27.26
CA SER D 156 20.81 -46.94 25.89
CA ASN D 157 19.13 -47.61 22.60
CA GLU D 158 16.66 -44.84 23.12
CA LEU D 159 16.81 -41.20 24.05
CA PRO D 160 15.00 -40.13 27.20
CA GLU D 161 11.31 -39.21 27.33
CA ALA D 162 10.04 -35.78 26.26
CA ASP D 163 10.22 -33.43 29.30
CA SER D 164 11.37 -36.30 31.43
CA SER D 165 13.10 -36.42 34.74
CA LEU D 166 16.00 -37.91 32.83
CA GLU D 167 16.89 -35.01 30.43
CA ALA D 168 18.47 -33.39 33.46
CA LEU D 169 20.94 -36.29 33.30
CA TYR D 170 21.33 -36.44 29.56
CA ASP D 171 21.88 -32.68 29.44
CA ARG D 172 24.68 -33.22 31.89
CA MET D 173 26.47 -35.76 29.77
CA LEU D 174 28.77 -33.91 27.45
CA ILE D 175 29.61 -36.24 24.57
CA ARG D 176 26.91 -38.08 22.61
CA LEU D 177 27.83 -40.93 20.24
CA TRP D 178 25.37 -42.80 18.01
CA LEU D 179 26.71 -46.27 17.36
CA ASP D 180 25.50 -48.97 14.98
CA LYS D 181 26.47 -52.54 13.99
CA VAL D 182 29.54 -52.87 11.76
CA GLN D 183 28.68 -51.69 8.23
CA ASP D 184 31.71 -52.82 6.21
CA LYS D 185 31.61 -56.49 5.14
CA ALA D 186 35.40 -56.82 5.43
CA ASN D 187 35.18 -55.38 8.95
CA PHE D 188 32.35 -57.73 9.84
CA ARG D 189 34.55 -60.70 8.98
CA SER D 190 37.51 -59.39 10.94
CA MET D 191 35.27 -58.67 13.89
CA LEU D 192 33.83 -62.15 13.52
CA THR D 193 37.14 -63.99 13.47
CA SER D 194 39.14 -61.81 15.83
CA GLN D 195 41.11 -63.94 18.29
CA GLN D 196 41.46 -60.85 20.44
CA ASP D 197 40.67 -61.62 24.09
CA GLU D 198 38.30 -58.76 24.72
CA ASN D 199 38.99 -58.57 28.52
CA ASP D 200 42.79 -58.47 28.35
CA ASN D 201 44.93 -55.38 28.77
CA PRO D 202 46.10 -54.39 25.27
CA VAL D 203 47.92 -51.29 26.51
CA PRO D 204 51.72 -51.27 26.96
CA ASP D 205 52.66 -50.55 30.61
CA ALA D 206 54.68 -47.53 29.50
CA LEU D 207 51.65 -45.80 27.97
CA GLN D 208 49.08 -46.02 30.79
CA VAL D 209 48.57 -42.79 32.72
CA THR D 210 49.71 -42.26 36.28
CA ASP D 211 47.51 -40.55 38.86
CA GLU D 212 50.32 -38.04 39.07
CA GLU D 213 49.82 -37.34 35.37
CA TYR D 214 46.02 -37.51 35.46
CA GLU D 215 45.73 -34.93 38.26
CA ARG D 216 48.39 -32.60 36.80
CA TRP D 217 46.64 -32.60 33.44
CA GLN D 218 43.28 -31.86 35.07
CA LYS D 219 44.87 -28.64 36.27
CA GLU D 220 46.78 -28.05 33.05
CA ILE D 221 43.77 -28.28 30.72
CA GLY D 222 42.33 -25.24 32.56
CA GLU D 223 45.32 -23.24 31.36
CA ILE D 224 44.85 -23.85 27.59
CA THR D 225 43.78 -20.54 26.10
CA LEU D 226 40.84 -19.43 24.00
CA PRO D 227 42.09 -17.26 21.15
CA ASP D 228 39.90 -14.41 19.94
CA HIS D 229 39.19 -15.96 16.59
CA VAL D 230 38.13 -19.24 18.21
CA PHE D 231 35.83 -17.53 20.67
CA GLU D 232 34.50 -15.42 17.86
CA LEU D 233 33.62 -18.60 15.92
CA ILE D 234 32.03 -20.26 18.95
CA PHE D 235 29.94 -17.13 19.61
CA MET D 236 28.98 -16.91 16.00
CA LEU D 237 27.60 -20.41 16.09
CA ARG D 238 25.73 -19.73 19.37
CA GLN D 239 23.98 -16.83 17.62
CA GLN D 240 23.42 -18.92 14.49
CA LEU D 241 21.85 -21.75 16.43
CA ASP D 242 19.58 -19.35 18.26
CA LYS D 243 18.20 -17.69 15.13
CA LEU D 244 17.31 -21.10 13.63
CA PRO D 245 14.01 -22.12 15.27
CA ASP D 246 14.49 -25.88 15.06
CA ALA D 247 18.07 -25.71 16.37
CA PRO D 248 18.55 -27.57 19.65
CA TYR D 249 18.59 -25.45 22.74
CA VAL D 250 22.16 -25.26 24.01
CA SER D 251 22.53 -24.06 27.55
CA ASP D 252 25.41 -22.01 28.91
CA ARG D 253 26.27 -24.99 31.12
CA ARG D 254 26.66 -27.07 27.96
CA TRP D 255 28.86 -24.46 26.24
CA LYS D 256 31.03 -24.09 29.31
CA LYS D 257 31.56 -27.85 29.35
CA ALA D 258 31.97 -28.10 25.58
CA ILE D 259 34.77 -25.59 26.03
CA ARG D 260 36.79 -27.67 28.46
CA LEU D 261 36.57 -30.55 25.93
CA LEU D 262 37.88 -28.21 23.25
CA GLN D 263 40.68 -27.36 25.65
CA ALA D 264 41.58 -30.97 26.42
CA SER D 265 41.63 -31.68 22.70
CA ALA D 266 44.15 -28.88 22.15
CA PHE D 267 46.24 -29.76 25.20
CA PHE D 268 46.46 -33.40 24.29
CA SER D 269 47.13 -32.54 20.67
CA GLY D 270 50.31 -30.85 21.88
CA ARG D 271 49.05 -27.28 21.77
CA SER D 272 48.19 -24.48 24.21
CA ALA D 273 45.21 -23.13 22.27
CA VAL D 274 42.29 -25.39 21.33
CA ALA D 275 40.98 -27.84 18.73
CA PRO D 276 37.86 -29.02 16.94
CA VAL D 277 37.01 -32.74 16.66
CA ASP D 278 34.45 -31.77 19.32
CA LEU D 279 32.06 -30.85 16.50
CA ILE D 280 31.58 -34.53 15.89
CA LEU D 281 29.53 -34.64 19.10
CA LEU D 282 26.99 -32.56 17.18
CA LYS D 283 26.10 -35.88 15.45
CA ASP D 284 24.51 -36.88 18.77
CA CYS D 285 21.73 -34.19 18.80
CA LEU D 286 21.30 -35.56 15.25
CA TRP D 287 21.21 -38.83 15.29
CA TYR D 288 20.37 -41.55 14.53
CA ASP D 289 23.83 -43.09 13.89
CA ALA D 290 24.94 -42.84 10.35
CA GLN D 291 22.69 -40.50 8.30
CA SER D 292 23.84 -37.08 8.83
CA LEU D 293 27.54 -37.79 9.40
CA ASN D 294 27.91 -39.47 5.96
CA LEU D 295 25.98 -36.69 4.22
CA ILE D 296 28.14 -33.97 5.86
CA GLN D 297 31.38 -35.79 4.92
CA GLN D 298 30.32 -36.14 1.30
CA GLN D 299 29.19 -32.50 1.00
CA ILE D 300 32.24 -30.93 2.59
CA ASP D 301 34.44 -33.26 0.64
CA VAL D 302 32.69 -32.05 -2.55
CA LEU D 303 32.96 -28.42 -1.52
CA MET D 304 36.63 -29.01 -0.65
CA THR D 305 37.66 -30.69 -3.87
CA GLY D 306 35.46 -28.83 -6.34
CA HIS D 307 35.28 -25.26 -5.23
CA ALA D 308 37.51 -24.39 -2.27
CA TRP D 309 40.52 -23.93 -4.55
CA GLN D 310 38.68 -23.15 -7.75
CA GLN D 311 38.96 -26.71 -9.11
CA GLN D 312 35.82 -27.30 -11.10
CA GLY D 313 35.94 -23.62 -12.15
CA MET D 314 39.39 -24.01 -13.63
CA LEU D 315 38.19 -27.17 -15.38
CA THR D 316 35.22 -25.17 -16.69
CA ARG D 317 37.73 -22.75 -18.21
CA LEU D 318 39.90 -25.60 -19.40
CA GLY D 319 37.19 -27.04 -21.61
CA ALA D 320 36.31 -23.59 -22.95
CA ILE D 321 39.82 -23.30 -24.33
CA VAL D 322 40.03 -26.92 -25.56
CA GLN D 323 36.82 -26.01 -27.37
CA ARG D 324 38.39 -23.03 -29.15
CA HIS D 325 41.48 -25.07 -29.99
CA LEU D 326 39.41 -27.66 -31.84
CA GLN D 327 37.66 -24.88 -33.76
CA LEU D 328 40.68 -22.57 -33.66
CA GLN D 329 40.78 -22.24 -37.44
CA GLN D 330 39.45 -18.79 -38.37
CA THR D 363 51.25 6.47 -40.63
CA LEU D 364 50.53 4.36 -43.71
CA THR D 365 51.96 4.84 -47.19
CA LEU D 366 49.91 4.37 -50.36
CA LEU D 367 51.33 3.63 -53.81
CA LEU D 368 49.67 4.87 -56.99
CA GLN D 369 48.76 2.81 -60.10
CA LYS D 370 49.56 5.74 -62.35
CA PRO D 371 52.47 7.81 -60.96
CA LEU D 372 51.77 11.53 -61.23
CA LYS D 373 53.65 14.83 -61.36
CA LEU D 374 52.76 16.48 -58.03
CA HIS D 375 54.42 19.64 -56.69
CA ASP D 376 56.98 19.70 -59.53
CA MET D 377 58.14 16.09 -58.97
CA GLU D 378 56.97 12.62 -59.96
CA VAL D 379 55.53 10.66 -57.02
CA VAL D 380 55.09 6.88 -56.73
CA HIS D 381 53.84 6.81 -53.11
CA ILE D 382 52.19 9.14 -50.57
CA SER D 383 52.36 8.60 -46.80
CA PHE D 384 49.44 9.74 -44.65
CA GLU D 385 49.12 10.12 -40.91
CA ARG D 386 46.31 7.57 -40.44
CA SER D 387 44.68 9.92 -37.92
CA ALA D 388 44.49 12.72 -40.53
CA LEU D 389 43.08 10.36 -43.17
CA GLU D 390 40.35 9.26 -40.73
CA GLN D 391 38.91 12.75 -40.14
CA TRP D 392 39.03 13.53 -43.87
CA LEU D 393 37.14 10.31 -44.65
CA SER D 394 34.53 11.35 -42.09
CA LYS D 395 34.32 15.17 -42.05
CA GLY D 396 35.88 15.87 -45.46
CA GLY D 397 37.62 19.21 -46.02
CA GLU D 398 41.30 19.31 -46.93
CA ILE D 399 43.93 16.58 -46.55
CA ARG D 400 47.72 16.76 -46.56
CA GLY D 401 50.22 13.99 -47.34
CA LYS D 402 54.00 13.76 -47.63
CA LEU D 403 54.98 12.99 -51.21
CA ASN D 404 57.25 9.96 -51.68
CA GLY D 405 57.22 9.64 -47.87
CA ILE D 406 59.53 12.64 -47.42
CA GLY D 407 59.35 16.41 -46.94
CA PHE D 408 56.40 18.45 -45.69
CA ALA D 409 52.80 17.23 -45.56
CA GLN D 410 51.48 18.78 -48.80
CA LYS D 411 47.81 19.49 -49.54
CA LEU D 412 46.34 17.03 -52.04
CA ASN D 413 43.58 16.88 -54.64
CA LEU D 414 42.00 13.73 -53.21
CA GLU D 415 38.52 12.28 -53.69
CA VAL D 416 36.51 9.18 -52.74
CA ASP D 417 35.73 7.19 -55.91
CA SER D 418 32.39 5.65 -56.93
CA ALA D 419 34.16 2.27 -56.73
CA GLN D 420 35.04 3.40 -53.16
CA HIS D 421 38.71 4.04 -54.00
CA LEU D 422 40.96 7.01 -53.24
CA VAL D 423 41.98 9.09 -56.28
CA VAL D 424 44.69 11.79 -56.33
CA ARG D 425 44.76 14.35 -59.13
CA ASP D 426 47.45 16.61 -60.56
CA VAL D 427 47.11 20.10 -62.11
CA SER D 428 45.99 18.46 -65.37
CA LEU D 429 43.24 16.76 -63.31
CA GLN D 430 44.84 13.41 -64.23
CA GLY D 431 43.62 10.79 -61.75
CA SER D 432 45.42 7.95 -59.99
CA THR D 433 44.03 5.19 -57.78
CA LEU D 434 45.78 4.57 -54.45
CA ALA D 435 46.85 1.07 -53.39
CA LEU D 436 48.21 -0.35 -50.13
CA PRO D 437 51.53 -2.26 -50.13
CA GLY D 438 51.68 -5.91 -49.07
CA SER D 439 50.98 -7.87 -45.89
CA SER D 440 52.02 -11.06 -44.09
CA ALA D 441 50.42 -14.27 -42.83
CA GLU D 442 51.59 -16.39 -41.32
CA GLY D 443 49.58 -16.07 -38.10
CA LEU D 444 47.66 -19.11 -36.83
CA PRO D 445 47.93 -20.08 -33.17
CA GLY D 446 48.85 -18.17 -29.99
CA GLU D 447 45.41 -17.43 -28.56
CA ILE D 448 45.46 -20.84 -26.92
CA LYS D 449 49.01 -20.59 -25.50
CA GLN D 450 48.06 -17.23 -24.01
CA GLN D 451 44.82 -18.58 -22.50
CA LEU D 452 46.21 -21.90 -21.36
CA GLU D 453 49.06 -19.97 -19.73
CA GLU D 454 46.82 -17.73 -17.66
CA LEU D 455 44.92 -20.84 -16.59
CA GLU D 456 48.09 -22.62 -15.52
CA SER D 457 49.28 -19.49 -13.72
CA ASP D 458 46.02 -19.18 -11.77
CA TRP D 459 46.24 -22.90 -10.97
CA ARG D 460 49.69 -22.33 -9.54
CA LYS D 461 48.30 -19.46 -7.49
CA GLN D 462 45.58 -21.80 -6.20
CA HIS D 463 48.06 -24.53 -5.40
CA ALA D 464 50.36 -22.05 -3.77
CA LEU D 465 47.51 -20.85 -1.51
CA PHE D 466 46.53 -24.40 -0.73
CA SER D 467 50.02 -25.50 0.30
CA GLU D 468 50.53 -22.33 2.29
CA GLN D 469 47.42 -23.01 4.39
CA GLN D 470 47.36 -26.78 4.85
CA LYS D 471 49.90 -26.39 7.69
CA CYS D 472 47.00 -26.59 10.05
CA LEU D 473 46.91 -28.45 13.32
CA PHE D 474 43.17 -28.94 13.29
CA ILE D 475 42.75 -30.73 9.96
CA PRO D 476 43.18 -34.50 9.48
CA GLY D 477 45.89 -35.39 6.94
CA ASP D 478 43.59 -37.55 4.79
CA TRP D 479 41.60 -34.47 3.71
CA LEU D 480 44.77 -32.62 2.73
CA GLY D 481 45.57 -35.69 0.65
CA ARG D 482 42.24 -35.47 -1.22
CA ILE D 483 42.62 -31.73 -1.84
CA GLU D 484 46.20 -32.05 -3.07
CA ALA D 485 45.06 -34.93 -5.29
CA SER D 486 42.17 -32.89 -6.70
CA LEU D 487 44.56 -30.01 -7.43
CA GLN D 488 47.01 -32.34 -9.19
CA ASP D 489 44.16 -33.58 -11.38
CA VAL D 490 43.50 -30.04 -12.71
CA GLY D 491 47.19 -29.24 -13.22
CA ALA D 492 47.77 -32.46 -15.14
CA GLN D 493 44.84 -31.67 -17.45
CA ILE D 494 46.18 -28.18 -17.99
CA ARG D 495 49.60 -29.65 -18.89
CA GLN D 496 48.14 -32.31 -21.16
CA ALA D 497 46.15 -29.51 -22.84
CA GLN D 498 49.32 -27.59 -23.96
CA GLN D 499 51.68 -29.30 -26.16
CA HIS E 5 -30.12 -18.34 88.69
CA PRO E 6 -30.32 -19.89 85.19
CA HIS E 7 -30.87 -16.22 84.22
CA LEU E 8 -27.48 -15.36 85.69
CA LEU E 9 -26.34 -18.26 83.48
CA ALA E 10 -27.48 -16.60 80.22
CA GLU E 11 -25.55 -13.58 81.51
CA ARG E 12 -22.42 -15.68 82.16
CA ILE E 13 -22.42 -17.62 78.87
CA SER E 14 -22.85 -14.29 77.05
CA ARG E 15 -19.96 -12.75 79.02
CA LEU E 16 -17.91 -15.93 78.49
CA SER E 17 -18.56 -15.90 74.72
CA SER E 18 -17.73 -12.18 74.63
CA SER E 19 -14.22 -12.77 76.03
CA LEU E 20 -13.64 -15.81 73.78
CA GLU E 21 -14.51 -13.55 70.85
CA LYS E 22 -11.72 -10.97 71.53
CA GLY E 23 -9.32 -10.49 68.62
CA LEU E 24 -11.44 -12.47 66.17
CA TYR E 25 -13.12 -10.69 63.28
CA GLU E 26 -16.29 -11.79 61.46
CA ARG E 27 -16.45 -14.97 63.58
CA SER E 28 -19.01 -14.06 66.26
CA HIS E 29 -21.61 -16.68 65.31
CA ALA E 30 -18.93 -19.32 64.81
CA ILE E 31 -17.59 -18.79 68.36
CA ARG E 32 -21.05 -18.83 69.99
CA LEU E 33 -21.93 -22.03 68.10
CA CYS E 34 -18.67 -23.77 68.99
CA LEU E 35 -19.26 -22.75 72.60
CA LEU E 36 -22.82 -24.10 72.40
CA ALA E 37 -21.45 -27.28 70.82
CA ALA E 38 -18.68 -27.58 73.43
CA LEU E 39 -21.11 -27.13 76.31
CA SER E 40 -23.62 -29.61 74.85
CA GLY E 41 -21.23 -32.41 73.84
CA GLU E 42 -21.72 -31.86 70.10
CA SER E 43 -19.24 -31.52 67.26
CA VAL E 44 -18.81 -28.88 64.55
CA PHE E 45 -17.33 -28.94 61.03
CA LEU E 46 -15.52 -25.84 59.76
CA LEU E 47 -15.46 -25.34 55.99
CA GLY E 48 -13.07 -22.84 54.38
CA PRO E 49 -9.73 -21.93 52.72
CA PRO E 50 -6.43 -21.97 54.70
CA GLY E 51 -5.32 -19.24 57.11
CA ILE E 52 -8.75 -17.97 58.18
CA ALA E 53 -8.48 -18.74 61.93
CA LYS E 54 -10.24 -22.15 61.72
CA SER E 55 -7.64 -23.80 63.96
CA LEU E 56 -7.43 -20.66 66.10
CA ILE E 57 -11.09 -20.62 67.10
CA ALA E 58 -10.83 -24.32 67.96
CA ARG E 59 -7.86 -23.66 70.28
CA ARG E 60 -9.71 -20.65 71.73
CA LEU E 61 -12.43 -22.92 73.07
CA LYS E 62 -10.19 -24.77 75.55
CA PHE E 63 -10.19 -21.52 77.55
CA ALA E 64 -13.91 -21.96 78.19
CA PHE E 65 -13.04 -24.61 80.80
CA GLN E 66 -10.85 -24.69 83.92
CA ASN E 67 -9.28 -28.08 83.27
CA ALA E 68 -9.27 -28.53 79.47
CA ARG E 69 -6.58 -30.21 77.39
CA ALA E 70 -6.47 -29.38 73.69
CA PHE E 71 -5.40 -31.71 70.87
CA GLU E 72 -4.63 -30.47 67.37
CA TYR E 73 -3.67 -32.60 64.37
CA LEU E 74 -3.39 -32.12 60.61
CA MET E 75 -4.55 -35.20 58.70
CA THR E 76 -2.21 -36.54 56.03
CA ARG E 77 -2.98 -39.43 53.69
CA PHE E 78 -0.19 -41.39 55.43
CA SER E 79 -1.55 -40.64 58.90
CA THR E 80 -1.94 -43.68 61.19
CA PRO E 81 -4.05 -44.20 64.36
CA GLU E 82 -0.68 -44.35 66.19
CA GLU E 83 -0.07 -40.66 65.45
CA VAL E 84 -3.63 -39.54 66.25
CA PHE E 85 -4.57 -41.74 69.22
CA GLY E 86 -1.08 -42.59 70.51
CA PRO E 87 1.46 -45.36 69.82
CA LEU E 88 1.20 -48.60 71.86
CA SER E 89 4.11 -49.81 74.02
CA GLU E 100 -0.96 -50.78 76.58
CA ARG E 101 -1.37 -47.61 74.48
CA LEU E 102 0.36 -44.31 75.30
CA THR E 103 -2.57 -41.89 75.12
CA SER E 104 -1.06 -38.93 77.04
CA GLY E 105 -1.03 -35.91 74.72
CA TYR E 106 -3.40 -37.54 72.23
CA LEU E 107 -7.11 -37.59 71.28
CA PRO E 108 -8.15 -40.18 73.98
CA GLU E 109 -7.39 -37.61 76.72
CA ALA E 110 -8.31 -34.14 75.45
CA GLU E 111 -11.49 -32.11 76.05
CA ILE E 112 -11.11 -30.07 72.86
CA VAL E 113 -9.96 -31.92 69.75
CA PHE E 114 -9.28 -30.13 66.49
CA LEU E 115 -8.54 -32.20 63.39
CA ASP E 116 -7.56 -30.26 60.28
CA GLU E 117 -7.92 -31.54 56.70
CA ILE E 118 -10.35 -34.23 57.86
CA TRP E 119 -11.49 -35.78 54.54
CA LYS E 120 -8.12 -37.49 54.04
CA ALA E 121 -8.23 -39.71 57.11
CA GLY E 122 -7.80 -43.39 56.24
CA PRO E 123 -10.38 -46.16 56.89
CA ALA E 124 -8.50 -47.13 60.07
CA ILE E 125 -8.70 -43.63 61.55
CA LEU E 126 -12.21 -43.06 60.19
CA ASN E 127 -13.58 -46.08 62.08
CA THR E 128 -11.94 -45.35 65.44
CA LEU E 129 -13.19 -41.76 65.08
CA LEU E 130 -16.76 -42.93 64.50
CA THR E 131 -16.64 -44.90 67.76
CA ALA E 132 -15.03 -41.88 69.44
CA ILE E 133 -17.95 -39.60 68.51
CA ASN E 134 -20.71 -42.16 69.18
CA GLU E 135 -19.60 -44.37 72.07
CA ARG E 136 -17.37 -41.70 73.72
CA GLN E 137 -15.07 -44.77 74.18
CA PHE E 138 -11.73 -46.03 72.84
CA ARG E 139 -10.33 -49.54 72.29
CA ASN E 140 -7.14 -49.44 74.39
CA GLY E 141 -6.06 -52.91 73.23
CA ALA E 142 -7.63 -54.69 76.21
CA HIS E 143 -10.14 -52.54 78.12
CA VAL E 144 -12.39 -49.84 76.64
CA GLU E 145 -12.14 -46.41 78.30
CA LYS E 146 -14.41 -43.34 78.30
CA ILE E 147 -12.96 -40.30 76.47
CA PRO E 148 -13.35 -36.89 78.16
CA MET E 149 -13.83 -35.27 74.71
CA ARG E 150 -16.22 -32.35 75.11
CA LEU E 151 -15.80 -30.68 71.70
CA LEU E 152 -14.71 -32.05 68.35
CA VAL E 153 -14.05 -29.66 65.50
CA ALA E 154 -12.91 -30.72 62.05
CA ALA E 155 -11.76 -28.47 59.21
CA SER E 156 -11.29 -28.68 55.42
CA ASN E 157 -11.51 -26.52 52.29
CA GLU E 158 -13.67 -29.10 50.53
CA LEU E 159 -16.59 -31.42 51.28
CA PRO E 160 -16.25 -35.24 51.10
CA GLU E 161 -16.90 -37.37 47.99
CA ALA E 162 -20.43 -38.16 46.71
CA ASP E 163 -20.74 -41.67 48.20
CA SER E 164 -17.56 -41.47 50.25
CA SER E 165 -16.73 -43.42 53.39
CA LEU E 166 -16.19 -40.00 54.98
CA GLU E 167 -19.88 -38.99 54.58
CA ALA E 168 -20.67 -41.22 57.55
CA LEU E 169 -18.28 -39.05 59.57
CA TYR E 170 -19.62 -35.80 58.10
CA ASP E 171 -23.21 -36.83 58.90
CA ARG E 172 -22.08 -37.50 62.47
CA MET E 173 -20.95 -33.90 62.93
CA LEU E 174 -23.93 -31.77 63.86
CA ILE E 175 -22.92 -28.18 63.12
CA ARG E 176 -21.63 -27.05 59.73
CA LEU E 177 -20.08 -23.61 59.30
CA TRP E 178 -18.96 -22.16 55.95
CA LEU E 179 -16.23 -19.58 56.56
CA ASP E 180 -14.33 -17.12 54.38
CA LYS E 181 -11.58 -14.47 54.63
CA VAL E 182 -12.57 -11.17 56.29
CA GLN E 183 -14.82 -9.15 53.98
CA ASP E 184 -15.12 -5.76 55.69
CA LYS E 185 -12.18 -3.44 54.90
CA ALA E 186 -12.22 -1.98 58.43
CA ASN E 187 -12.15 -5.49 59.92
CA PHE E 188 -9.24 -6.46 57.69
CA ARG E 189 -7.23 -3.55 59.11
CA SER E 190 -8.14 -4.37 62.71
CA MET E 191 -7.24 -8.05 62.30
CA LEU E 192 -4.02 -6.98 60.56
CA THR E 193 -2.81 -4.72 63.38
CA SER E 194 -4.23 -6.62 66.36
CA GLN E 195 -1.65 -6.81 69.17
CA GLN E 196 -3.77 -9.58 70.71
CA ASP E 197 -1.64 -12.61 71.55
CA GLU E 198 -3.79 -15.27 69.90
CA ASN E 199 -2.53 -18.07 72.21
CA ASP E 200 -3.19 -16.27 75.51
CA ASN E 201 -6.18 -16.94 77.77
CA PRO E 202 -8.62 -14.03 77.23
CA VAL E 203 -11.21 -15.51 79.61
CA PRO E 204 -11.54 -14.23 83.20
CA ASP E 205 -11.11 -17.06 85.76
CA ALA E 206 -14.65 -16.54 87.10
CA LEU E 207 -16.29 -17.30 83.74
CA GLN E 208 -14.44 -20.54 82.88
CA VAL E 209 -16.80 -23.49 83.37
CA THR E 210 -15.93 -26.09 86.00
CA ASP E 211 -16.10 -29.86 85.52
CA GLU E 212 -18.88 -29.90 88.14
CA GLU E 213 -20.81 -27.40 86.03
CA TYR E 214 -20.12 -29.12 82.70
CA GLU E 215 -21.36 -32.53 83.91
CA ARG E 216 -24.46 -31.10 85.62
CA TRP E 217 -25.46 -29.16 82.49
CA GLN E 218 -25.19 -32.28 80.31
CA LYS E 219 -27.95 -33.78 82.47
CA GLU E 220 -30.00 -30.57 82.68
CA ILE E 221 -29.96 -29.95 78.90
CA GLY E 222 -31.87 -33.25 78.54
CA GLU E 223 -34.61 -31.95 80.84
CA ILE E 224 -35.46 -28.93 78.65
CA THR E 225 -38.99 -29.53 77.32
CA LEU E 226 -40.16 -29.55 73.72
CA PRO E 227 -43.48 -27.61 73.46
CA ASP E 228 -46.26 -28.73 71.10
CA HIS E 229 -46.02 -25.71 68.78
CA VAL E 230 -42.25 -26.09 68.55
CA PHE E 231 -42.57 -29.76 67.59
CA GLU E 232 -45.31 -28.98 65.07
CA LEU E 233 -42.91 -26.55 63.39
CA ILE E 234 -40.02 -29.06 63.34
CA PHE E 235 -42.36 -31.75 61.94
CA MET E 236 -43.78 -29.27 59.42
CA LEU E 237 -40.26 -28.61 58.13
CA ARG E 238 -39.38 -32.33 58.09
CA GLN E 239 -42.43 -32.96 55.88
CA GLN E 240 -41.68 -29.85 53.78
CA LEU E 241 -38.09 -30.91 53.09
CA ASP E 242 -39.24 -34.45 52.27
CA LYS E 243 -41.67 -33.26 49.56
CA LEU E 244 -38.98 -31.15 47.86
CA PRO E 245 -36.71 -33.30 45.62
CA ASP E 246 -33.66 -31.00 45.84
CA ALA E 247 -33.84 -30.86 49.64
CA PRO E 248 -31.01 -32.65 51.47
CA TYR E 249 -31.82 -35.97 53.09
CA VAL E 250 -32.08 -35.41 56.85
CA SER E 251 -31.84 -38.63 58.85
CA ASP E 252 -33.64 -39.22 62.15
CA ARG E 253 -30.18 -39.36 63.79
CA ARG E 254 -29.52 -35.82 62.57
CA TRP E 255 -32.92 -34.64 63.83
CA LYS E 256 -32.36 -36.06 67.32
CA LYS E 257 -28.90 -34.51 67.60
CA ALA E 258 -30.25 -31.19 66.27
CA ILE E 259 -32.92 -31.31 69.00
CA ARG E 260 -30.30 -31.50 71.76
CA LEU E 261 -28.60 -28.40 70.32
CA LEU E 262 -32.00 -26.68 70.35
CA GLN E 263 -32.37 -27.73 74.00
CA ALA E 264 -28.87 -26.47 74.81
CA SER E 265 -29.59 -23.12 73.14
CA ALA E 266 -32.73 -22.72 75.29
CA PHE E 267 -31.01 -23.85 78.50
CA PHE E 268 -28.07 -21.49 78.07
CA SER E 269 -30.50 -18.70 77.12
CA GLY E 270 -32.22 -18.86 80.51
CA ARG E 271 -35.27 -20.82 79.37
CA SER E 272 -36.79 -24.11 80.48
CA ALA E 273 -38.24 -24.83 77.03
CA VAL E 274 -37.03 -24.82 73.43
CA ALA E 275 -38.41 -21.66 71.80
CA PRO E 276 -39.28 -21.19 68.10
CA VAL E 277 -36.26 -18.86 67.82
CA ASP E 278 -33.94 -21.81 68.63
CA LEU E 279 -35.14 -23.33 65.34
CA ILE E 280 -32.99 -20.84 63.42
CA LEU E 281 -29.95 -22.88 64.56
CA LEU E 282 -31.16 -25.63 62.19
CA LYS E 283 -29.72 -23.43 59.40
CA ASP E 284 -26.36 -24.62 60.72
CA CYS E 285 -27.30 -28.31 60.83
CA LEU E 286 -29.43 -29.26 57.83
CA TRP E 287 -27.55 -28.15 54.78
CA TYR E 288 -25.28 -29.85 53.18
CA ASP E 289 -24.89 -26.98 50.64
CA ALA E 290 -26.15 -25.72 49.60
CA GLN E 291 -28.89 -26.81 47.73
CA SER E 292 -30.69 -28.52 50.58
CA LEU E 293 -29.50 -25.61 52.77
CA ASN E 294 -31.61 -23.09 50.83
CA LEU E 295 -34.62 -25.43 50.83
CA ILE E 296 -34.34 -25.99 54.60
CA GLN E 297 -34.03 -22.26 55.32
CA GLN E 298 -37.05 -21.39 53.17
CA GLN E 299 -39.18 -24.17 54.74
CA ILE E 300 -38.35 -23.33 58.35
CA ASP E 301 -38.86 -19.64 57.58
CA VAL E 302 -42.33 -20.43 56.21
CA LEU E 303 -43.02 -22.51 59.33
CA MET E 304 -41.74 -19.75 61.62
CA THR E 305 -43.48 -16.78 59.98
CA GLY E 306 -46.69 -18.69 59.21
CA HIS E 307 -47.47 -21.36 61.78
CA ALA E 308 -45.16 -21.08 64.79
CA TRP E 309 -47.15 -18.25 66.37
CA GLN E 310 -50.49 -19.01 64.70
CA GLN E 311 -49.96 -16.24 62.11
CA GLN E 312 -51.71 -17.73 59.09
CA GLY E 313 -54.30 -19.29 61.42
CA MET E 314 -55.22 -15.87 62.78
CA LEU E 315 -55.34 -14.37 59.28
CA THR E 316 -57.72 -17.08 58.07
CA ARG E 317 -59.91 -16.24 61.09
CA LEU E 318 -59.67 -12.53 60.26
CA GLY E 319 -60.98 -12.93 56.71
CA ALA E 320 -63.86 -15.04 58.07
CA ILE E 321 -64.93 -12.11 60.25
CA VAL E 322 -64.45 -9.49 57.50
CA GLN E 323 -66.69 -11.74 55.39
CA ARG E 324 -69.44 -11.62 58.05
CA HIS E 325 -68.96 -7.85 58.38
CA LEU E 326 -69.67 -7.43 54.64
CA GLN E 327 -72.63 -9.85 54.95
CA LEU E 328 -74.20 -7.78 57.75
CA GLN E 329 -73.45 -4.62 55.73
CA GLN E 330 -75.60 -5.87 52.82
CA THR E 363 -62.10 3.33 44.89
CA LEU E 364 -65.50 2.85 46.53
CA THR E 365 -67.24 -0.45 47.23
CA LEU E 366 -70.97 -0.95 46.77
CA LEU E 367 -73.06 -3.63 48.49
CA LEU E 368 -76.10 -5.20 46.83
CA GLN E 369 -79.61 -5.61 48.33
CA LYS E 370 -80.05 -8.90 46.52
CA PRO E 371 -76.74 -10.81 46.29
CA LEU E 372 -76.27 -12.32 42.83
CA LYS E 373 -74.36 -15.13 41.14
CA LEU E 374 -71.81 -13.28 38.97
CA HIS E 375 -68.91 -14.97 37.15
CA ASP E 376 -69.65 -18.36 38.77
CA MET E 377 -69.62 -16.99 42.34
CA GLU E 378 -72.05 -15.25 44.69
CA VAL E 379 -71.15 -11.59 45.24
CA VAL E 380 -72.26 -9.33 48.11
CA HIS E 381 -70.18 -6.24 47.16
CA ILE E 382 -68.47 -4.75 44.10
CA SER E 383 -65.62 -2.24 44.28
CA PHE E 384 -65.26 0.37 41.55
CA GLU E 385 -62.45 2.73 40.72
CA ARG E 386 -64.42 5.98 41.25
CA SER E 387 -62.69 7.44 38.18
CA ALA E 388 -64.03 4.59 35.99
CA LEU E 389 -67.54 4.93 37.41
CA GLU E 390 -67.50 8.67 36.59
CA GLN E 391 -66.86 8.26 32.86
CA TRP E 392 -69.44 5.48 32.60
CA LEU E 393 -72.04 7.68 34.32
CA SER E 394 -71.24 10.41 31.79
CA LYS E 395 -70.22 8.74 28.50
CA GLY E 396 -71.78 5.30 29.08
CA GLY E 397 -70.26 2.29 27.31
CA GLU E 398 -68.86 -0.61 29.34
CA ILE E 399 -67.88 -0.68 33.01
CA ARG E 400 -65.69 -3.11 34.94
CA GLY E 401 -65.69 -3.81 38.68
CA LYS E 402 -63.85 -6.22 40.99
CA LEU E 403 -66.30 -8.70 42.49
CA ASN E 404 -66.25 -8.96 46.29
CA GLY E 405 -63.41 -6.40 46.19
CA ILE E 406 -60.89 -8.96 44.94
CA GLY E 407 -59.52 -10.34 41.65
CA PHE E 408 -59.64 -8.72 38.23
CA ALA E 409 -61.92 -5.84 37.25
CA GLN E 410 -64.72 -7.79 35.54
CA LYS E 411 -67.15 -6.33 32.99
CA LEU E 412 -70.64 -5.82 34.45
CA ASN E 413 -74.24 -5.68 33.30
CA LEU E 414 -74.93 -2.31 34.92
CA GLU E 415 -77.69 0.22 34.25
CA VAL E 416 -78.98 3.52 35.64
CA ASP E 417 -82.44 2.97 37.15
CA SER E 418 -85.57 5.12 36.69
CA ALA E 419 -85.39 5.77 40.45
CA GLN E 420 -81.81 6.93 39.66
CA HIS E 421 -80.21 3.83 41.24
CA LEU E 422 -77.49 1.50 39.93
CA VAL E 423 -78.66 -2.01 39.04
CA VAL E 424 -76.40 -5.00 38.29
CA ARG E 425 -77.78 -8.01 36.45
CA ASP E 426 -76.97 -11.34 36.61
CA VAL E 427 -76.70 -14.11 34.24
CA SER E 428 -80.63 -14.47 34.18
CA LEU E 429 -80.80 -11.41 34.19
CA GLN E 430 -81.80 -10.40 38.17
CA GLY E 431 -81.30 -7.19 38.58
CA SER E 432 -80.37 -5.43 41.79
CA THR E 433 -80.23 -2.10 43.10
CA LEU E 434 -76.83 -1.06 45.11
CA ALA E 435 -76.89 0.56 48.40
CA LEU E 436 -73.87 2.29 49.95
CA PRO E 437 -72.39 1.79 53.20
CA GLY E 438 -73.14 1.91 56.67
CA SER E 439 -72.10 5.01 58.60
CA LEU E 444 -69.26 -1.54 63.74
CA PRO E 445 -71.81 -4.29 64.62
CA GLY E 446 -71.65 -5.95 68.06
CA GLU E 447 -71.12 -9.45 66.65
CA ILE E 448 -68.01 -8.30 64.76
CA LYS E 449 -66.67 -6.20 67.65
CA GLN E 450 -66.86 -9.25 69.96
CA GLN E 451 -65.18 -11.63 67.49
CA LEU E 452 -62.56 -9.09 66.40
CA GLU E 453 -61.66 -8.41 70.04
CA GLU E 454 -61.20 -12.11 70.81
CA LEU E 455 -58.83 -12.34 67.85
CA GLU E 456 -56.90 -9.24 68.99
CA SER E 457 -56.54 -10.80 72.44
CA ASP E 458 -55.29 -14.06 70.89
CA TRP E 459 -52.83 -12.07 68.78
CA ARG E 460 -51.55 -10.22 71.86
CA LYS E 461 -51.11 -13.56 73.65
CA GLN E 462 -49.19 -14.90 70.65
CA HIS E 463 -47.01 -11.78 70.49
CA ALA E 464 -46.45 -11.98 74.24
CA LEU E 465 -45.26 -15.60 73.98
CA PHE E 466 -42.84 -14.73 71.17
CA SER E 467 -41.28 -11.74 72.96
CA GLU E 468 -40.98 -13.73 76.20
CA GLN E 469 -39.00 -16.40 74.32
CA GLN E 470 -37.04 -14.51 71.62
CA LYS E 471 -34.41 -13.90 74.31
CA CYS E 472 -32.59 -17.00 73.12
CA LEU E 473 -28.82 -17.09 72.76
CA PHE E 474 -28.81 -19.82 70.12
CA ILE E 475 -31.01 -17.96 67.62
CA PRO E 476 -29.58 -15.42 65.13
CA GLY E 477 -31.10 -11.93 65.35
CA ASP E 478 -32.22 -11.74 61.70
CA TRP E 479 -34.77 -14.58 62.15
CA LEU E 480 -36.29 -12.79 65.15
CA GLY E 481 -36.73 -9.74 62.92
CA ARG E 482 -38.75 -11.75 60.38
CA ILE E 483 -41.01 -13.25 63.08
CA GLU E 484 -41.62 -9.86 64.73
CA ALA E 485 -42.54 -8.41 61.31
CA SER E 486 -44.90 -11.32 60.53
CA LEU E 487 -46.73 -10.75 63.82
CA GLN E 488 -46.91 -6.98 63.18
CA ASP E 489 -48.49 -7.73 59.78
CA VAL E 490 -51.37 -9.66 61.42
CA GLY E 491 -51.85 -7.02 64.14
CA ALA E 492 -52.01 -4.25 61.55
CA GLN E 493 -54.53 -6.23 59.47
CA ILE E 494 -56.82 -6.72 62.47
CA ARG E 495 -56.56 -3.08 63.59
CA GLN E 496 -57.18 -2.15 59.81
CA ALA E 497 -60.10 -4.31 60.10
CA GLN E 498 -61.62 -3.56 62.81
CA GLN E 499 -62.61 0.13 63.37
#